data_2M2H
#
_entry.id   2M2H
#
_entity_poly.entity_id   1
_entity_poly.type   'polypeptide(L)'
_entity_poly.pdbx_seq_one_letter_code
;GV(ABA)RCV(ABA)RRGV(ABA)RCV(ABA)RR
;
_entity_poly.pdbx_strand_id   A
#
# COMPACT_ATOMS: atom_id res chain seq x y z
N GLY A 1 7.00 -1.04 9.11
CA GLY A 1 6.17 -0.29 9.98
C GLY A 1 5.39 0.79 9.28
N VAL A 2 5.82 1.16 8.09
CA VAL A 2 5.16 2.21 7.35
C VAL A 2 4.04 1.59 6.53
N ABA A 3 2.83 1.79 6.97
CA ABA A 3 1.68 1.31 6.24
C ABA A 3 1.47 2.23 5.04
O ABA A 3 1.14 3.41 5.19
CB ABA A 3 0.42 1.30 7.13
CG ABA A 3 -0.82 0.76 6.44
H ABA A 3 2.70 2.26 7.82
HA ABA A 3 1.89 0.31 5.88
HB3 ABA A 3 0.21 2.31 7.46
HB2 ABA A 3 0.62 0.68 7.99
HG1 ABA A 3 -0.64 -0.25 6.13
HG3 ABA A 3 -1.65 0.78 7.13
HG2 ABA A 3 -1.05 1.38 5.58
N ARG A 4 1.75 1.71 3.88
CA ARG A 4 1.65 2.49 2.68
C ARG A 4 0.61 1.92 1.76
N CYS A 5 -0.30 2.76 1.36
CA CYS A 5 -1.32 2.39 0.43
C CYS A 5 -0.92 2.87 -0.94
N VAL A 6 -0.70 1.93 -1.80
CA VAL A 6 -0.28 2.18 -3.15
C VAL A 6 -1.39 1.77 -4.07
N ABA A 7 -1.68 2.60 -5.02
CA ABA A 7 -2.68 2.31 -6.00
C ABA A 7 -2.03 1.48 -7.09
O ABA A 7 -1.10 1.94 -7.77
CB ABA A 7 -3.28 3.59 -6.57
CG ABA A 7 -3.99 4.45 -5.53
H ABA A 7 -1.19 3.45 -5.07
HA ABA A 7 -3.45 1.73 -5.52
HB3 ABA A 7 -3.99 3.32 -7.33
HB2 ABA A 7 -2.49 4.19 -7.01
HG1 ABA A 7 -3.28 4.74 -4.77
HG3 ABA A 7 -4.39 5.33 -6.01
HG2 ABA A 7 -4.80 3.88 -5.09
N ARG A 8 -2.44 0.26 -7.18
CA ARG A 8 -1.94 -0.66 -8.16
C ARG A 8 -3.04 -0.98 -9.13
N ARG A 9 -3.00 -0.29 -10.26
CA ARG A 9 -3.96 -0.46 -11.34
C ARG A 9 -5.39 -0.33 -10.81
N GLY A 10 -5.61 0.75 -10.09
CA GLY A 10 -6.90 1.01 -9.55
C GLY A 10 -7.11 0.44 -8.15
N VAL A 11 -6.44 -0.64 -7.83
CA VAL A 11 -6.65 -1.30 -6.54
C VAL A 11 -5.79 -0.65 -5.47
N ABA A 12 -6.40 -0.29 -4.36
CA ABA A 12 -5.69 0.35 -3.27
C ABA A 12 -5.07 -0.73 -2.39
O ABA A 12 -5.77 -1.43 -1.66
CB ABA A 12 -6.64 1.24 -2.46
CG ABA A 12 -5.96 2.02 -1.35
H ABA A 12 -7.35 -0.49 -4.26
HA ABA A 12 -4.91 0.95 -3.70
HB3 ABA A 12 -7.41 0.63 -2.03
HB2 ABA A 12 -7.10 1.96 -3.14
HG1 ABA A 12 -5.21 2.67 -1.77
HG3 ABA A 12 -6.69 2.62 -0.83
HG2 ABA A 12 -5.50 1.33 -0.67
N ARG A 13 -3.77 -0.87 -2.49
CA ARG A 13 -3.07 -1.89 -1.75
C ARG A 13 -2.32 -1.28 -0.58
N CYS A 14 -2.77 -1.56 0.60
CA CYS A 14 -2.12 -1.08 1.77
C CYS A 14 -1.23 -2.17 2.32
N VAL A 15 0.03 -1.91 2.31
CA VAL A 15 1.03 -2.87 2.73
C VAL A 15 1.95 -2.20 3.74
N ABA A 16 2.29 -2.89 4.78
CA ABA A 16 3.17 -2.36 5.78
C ABA A 16 4.62 -2.66 5.40
O ABA A 16 5.02 -3.82 5.26
CB ABA A 16 2.82 -2.84 7.19
CG ABA A 16 2.81 -4.35 7.39
H ABA A 16 1.93 -3.80 4.89
HA ABA A 16 3.07 -1.28 5.73
HB3 ABA A 16 1.84 -2.46 7.43
HB2 ABA A 16 3.54 -2.44 7.88
HG1 ABA A 16 3.78 -4.75 7.15
HG3 ABA A 16 2.56 -4.58 8.41
HG2 ABA A 16 2.07 -4.80 6.74
N ARG A 17 5.37 -1.63 5.18
CA ARG A 17 6.76 -1.75 4.83
C ARG A 17 7.59 -1.13 5.92
N ARG A 18 8.17 -1.99 6.76
CA ARG A 18 9.00 -1.60 7.89
C ARG A 18 8.24 -0.65 8.84
N GLY A 1 6.14 -0.99 9.73
CA GLY A 1 5.15 -0.18 10.33
C GLY A 1 4.53 0.83 9.37
N VAL A 2 5.29 1.23 8.35
CA VAL A 2 4.81 2.23 7.42
C VAL A 2 3.90 1.59 6.40
N ABA A 3 2.63 1.86 6.54
CA ABA A 3 1.63 1.33 5.67
C ABA A 3 1.58 2.17 4.39
O ABA A 3 0.90 3.20 4.32
CB ABA A 3 0.27 1.34 6.38
CG ABA A 3 -0.86 0.72 5.60
H ABA A 3 2.36 2.45 7.27
HA ABA A 3 1.88 0.32 5.41
HB3 ABA A 3 -0.01 2.36 6.61
HB2 ABA A 3 0.36 0.80 7.31
HG1 ABA A 3 -1.01 1.26 4.68
HG3 ABA A 3 -0.62 -0.32 5.38
HG2 ABA A 3 -1.77 0.76 6.18
N ARG A 4 2.31 1.73 3.39
CA ARG A 4 2.35 2.41 2.12
C ARG A 4 1.25 1.85 1.24
N CYS A 5 0.34 2.69 0.85
CA CYS A 5 -0.73 2.27 -0.01
C CYS A 5 -0.49 2.73 -1.43
N VAL A 6 -0.36 1.79 -2.30
CA VAL A 6 -0.14 2.03 -3.70
C VAL A 6 -1.39 1.60 -4.44
N ABA A 7 -1.86 2.42 -5.32
CA ABA A 7 -3.06 2.14 -6.05
C ABA A 7 -2.72 1.58 -7.41
O ABA A 7 -2.51 2.31 -8.38
CB ABA A 7 -3.93 3.39 -6.17
CG ABA A 7 -4.42 3.94 -4.85
H ABA A 7 -1.35 3.25 -5.51
HA ABA A 7 -3.60 1.40 -5.50
HB3 ABA A 7 -4.79 3.16 -6.78
HB2 ABA A 7 -3.35 4.17 -6.66
HG1 ABA A 7 -5.02 4.82 -5.02
HG3 ABA A 7 -5.02 3.19 -4.34
HG2 ABA A 7 -3.57 4.20 -4.23
N ARG A 8 -2.67 0.28 -7.50
CA ARG A 8 -2.38 -0.37 -8.74
C ARG A 8 -3.69 -0.70 -9.44
N ARG A 9 -3.94 -0.03 -10.55
CA ARG A 9 -5.18 -0.19 -11.32
C ARG A 9 -6.40 0.14 -10.42
N GLY A 10 -6.24 1.18 -9.63
CA GLY A 10 -7.25 1.60 -8.70
C GLY A 10 -7.31 0.78 -7.41
N VAL A 11 -6.65 -0.37 -7.41
CA VAL A 11 -6.67 -1.26 -6.27
C VAL A 11 -5.67 -0.77 -5.23
N ABA A 12 -6.14 -0.49 -4.05
CA ABA A 12 -5.33 0.03 -3.00
C ABA A 12 -4.61 -1.10 -2.29
O ABA A 12 -5.19 -1.84 -1.49
CB ABA A 12 -6.18 0.83 -2.01
CG ABA A 12 -5.38 1.47 -0.89
H ABA A 12 -7.10 -0.68 -3.86
HA ABA A 12 -4.59 0.69 -3.44
HB3 ABA A 12 -6.91 0.17 -1.56
HB2 ABA A 12 -6.69 1.62 -2.54
HG1 ABA A 12 -4.82 0.70 -0.36
HG3 ABA A 12 -4.68 2.18 -1.31
HG2 ABA A 12 -6.04 1.98 -0.21
N ARG A 13 -3.36 -1.24 -2.60
CA ARG A 13 -2.52 -2.22 -1.98
C ARG A 13 -1.70 -1.54 -0.91
N CYS A 14 -1.99 -1.85 0.31
CA CYS A 14 -1.26 -1.30 1.41
C CYS A 14 -0.26 -2.32 1.91
N VAL A 15 0.98 -1.93 1.89
CA VAL A 15 2.07 -2.75 2.36
C VAL A 15 2.64 -2.10 3.60
N ABA A 16 2.73 -2.86 4.64
CA ABA A 16 3.25 -2.36 5.89
C ABA A 16 4.74 -2.61 5.99
O ABA A 16 5.19 -3.64 6.48
CB ABA A 16 2.51 -2.99 7.07
CG ABA A 16 1.03 -2.65 7.12
H ABA A 16 2.48 -3.79 4.54
HA ABA A 16 3.09 -1.29 5.91
HB3 ABA A 16 2.97 -2.65 7.99
HB2 ABA A 16 2.60 -4.07 7.01
HG1 ABA A 16 0.59 -3.14 7.97
HG3 ABA A 16 0.92 -1.58 7.22
HG2 ABA A 16 0.55 -2.99 6.22
N ARG A 17 5.50 -1.66 5.51
CA ARG A 17 6.94 -1.75 5.52
C ARG A 17 7.48 -1.14 6.80
N ARG A 18 7.79 -2.01 7.76
CA ARG A 18 8.34 -1.64 9.07
C ARG A 18 7.40 -0.66 9.78
N GLY A 1 6.23 -0.60 9.83
CA GLY A 1 5.27 0.33 10.33
C GLY A 1 4.66 1.21 9.26
N VAL A 2 5.40 1.49 8.20
CA VAL A 2 4.95 2.38 7.15
C VAL A 2 3.95 1.68 6.24
N ABA A 3 2.71 2.07 6.34
CA ABA A 3 1.66 1.51 5.53
C ABA A 3 1.66 2.18 4.17
O ABA A 3 1.16 3.29 4.01
CB ABA A 3 0.30 1.67 6.24
CG ABA A 3 -0.86 1.00 5.53
H ABA A 3 2.49 2.79 6.97
HA ABA A 3 1.86 0.45 5.41
HB3 ABA A 3 0.08 2.73 6.33
HB2 ABA A 3 0.37 1.24 7.23
HG1 ABA A 3 -1.77 1.16 6.09
HG3 ABA A 3 -0.96 1.43 4.54
HG2 ABA A 3 -0.67 -0.06 5.44
N ARG A 4 2.26 1.53 3.22
CA ARG A 4 2.34 2.02 1.87
C ARG A 4 1.18 1.52 1.07
N CYS A 5 0.26 2.38 0.80
CA CYS A 5 -0.86 2.03 0.00
C CYS A 5 -0.63 2.42 -1.42
N VAL A 6 -0.43 1.44 -2.22
CA VAL A 6 -0.14 1.64 -3.60
C VAL A 6 -1.41 1.38 -4.36
N ABA A 7 -1.76 2.30 -5.19
CA ABA A 7 -2.95 2.22 -5.99
C ABA A 7 -2.62 1.61 -7.33
O ABA A 7 -2.29 2.31 -8.27
CB ABA A 7 -3.59 3.60 -6.15
CG ABA A 7 -4.04 4.22 -4.85
H ABA A 7 -1.16 3.08 -5.28
HA ABA A 7 -3.64 1.57 -5.47
HB3 ABA A 7 -4.45 3.51 -6.81
HB2 ABA A 7 -2.86 4.26 -6.60
HG1 ABA A 7 -4.39 5.22 -5.04
HG3 ABA A 7 -4.85 3.63 -4.46
HG2 ABA A 7 -3.23 4.23 -4.15
N ARG A 8 -2.68 0.31 -7.39
CA ARG A 8 -2.41 -0.40 -8.60
C ARG A 8 -3.68 -0.48 -9.40
N ARG A 9 -3.81 0.42 -10.36
CA ARG A 9 -4.98 0.56 -11.23
C ARG A 9 -6.24 0.64 -10.38
N GLY A 10 -6.27 1.61 -9.50
CA GLY A 10 -7.37 1.85 -8.62
C GLY A 10 -7.46 0.88 -7.44
N VAL A 11 -6.70 -0.19 -7.47
CA VAL A 11 -6.74 -1.16 -6.41
C VAL A 11 -5.66 -0.86 -5.39
N ABA A 12 -6.08 -0.55 -4.19
CA ABA A 12 -5.21 -0.21 -3.14
C ABA A 12 -4.60 -1.46 -2.52
O ABA A 12 -5.30 -2.38 -2.08
CB ABA A 12 -5.97 0.58 -2.10
CG ABA A 12 -6.42 1.94 -2.58
H ABA A 12 -7.03 -0.54 -3.97
HA ABA A 12 -4.42 0.41 -3.53
HB3 ABA A 12 -5.34 0.70 -1.24
HB2 ABA A 12 -6.85 0.02 -1.82
HG1 ABA A 12 -6.97 2.43 -1.79
HG3 ABA A 12 -5.56 2.54 -2.83
HG2 ABA A 12 -7.06 1.83 -3.45
N ARG A 13 -3.30 -1.50 -2.54
CA ARG A 13 -2.55 -2.53 -1.89
C ARG A 13 -1.68 -1.86 -0.85
N CYS A 14 -2.05 -2.00 0.37
CA CYS A 14 -1.30 -1.44 1.45
C CYS A 14 -0.34 -2.46 2.00
N VAL A 15 0.92 -2.11 1.94
CA VAL A 15 1.98 -2.94 2.43
C VAL A 15 2.60 -2.22 3.61
N ABA A 16 2.57 -2.85 4.73
CA ABA A 16 3.11 -2.29 5.95
C ABA A 16 4.58 -2.66 6.09
O ABA A 16 4.92 -3.75 6.56
CB ABA A 16 2.32 -2.74 7.17
CG ABA A 16 0.88 -2.27 7.16
H ABA A 16 2.15 -3.74 4.72
HA ABA A 16 3.06 -1.22 5.87
HB3 ABA A 16 2.79 -2.37 8.06
HB2 ABA A 16 2.30 -3.83 7.19
HG1 ABA A 16 0.85 -1.19 7.16
HG3 ABA A 16 0.38 -2.65 6.29
HG2 ABA A 16 0.38 -2.63 8.05
N ARG A 17 5.43 -1.78 5.66
CA ARG A 17 6.86 -2.00 5.70
C ARG A 17 7.44 -1.23 6.86
N ARG A 18 7.80 -1.97 7.91
CA ARG A 18 8.37 -1.42 9.15
C ARG A 18 7.49 -0.28 9.67
N GLY A 1 6.81 -0.90 9.69
CA GLY A 1 5.84 -0.21 10.49
C GLY A 1 5.13 0.91 9.73
N VAL A 2 5.59 1.21 8.53
CA VAL A 2 5.00 2.24 7.72
C VAL A 2 4.05 1.60 6.72
N ABA A 3 2.80 1.95 6.81
CA ABA A 3 1.81 1.41 5.91
C ABA A 3 1.81 2.20 4.62
O ABA A 3 1.57 3.42 4.63
CB ABA A 3 0.42 1.41 6.57
CG ABA A 3 -0.66 0.75 5.73
H ABA A 3 2.54 2.62 7.47
HA ABA A 3 2.10 0.39 5.69
HB3 ABA A 3 0.12 2.44 6.75
HB2 ABA A 3 0.48 0.89 7.52
HG1 ABA A 3 -1.60 0.79 6.26
HG3 ABA A 3 -0.75 1.26 4.78
HG2 ABA A 3 -0.39 -0.28 5.56
N ARG A 4 2.12 1.54 3.56
CA ARG A 4 2.19 2.16 2.25
C ARG A 4 1.07 1.65 1.38
N CYS A 5 0.21 2.54 0.98
CA CYS A 5 -0.88 2.21 0.09
C CYS A 5 -0.55 2.73 -1.30
N VAL A 6 -0.53 1.83 -2.25
CA VAL A 6 -0.25 2.17 -3.63
C VAL A 6 -1.45 1.79 -4.47
N ABA A 7 -1.85 2.65 -5.35
CA ABA A 7 -3.01 2.41 -6.16
C ABA A 7 -2.57 1.85 -7.50
O ABA A 7 -2.15 2.58 -8.40
CB ABA A 7 -3.84 3.69 -6.34
CG ABA A 7 -5.16 3.48 -7.05
H ABA A 7 -1.32 3.47 -5.48
HA ABA A 7 -3.61 1.66 -5.68
HB3 ABA A 7 -3.25 4.40 -6.91
HB2 ABA A 7 -4.04 4.11 -5.37
HG1 ABA A 7 -5.76 2.77 -6.49
HG3 ABA A 7 -5.68 4.42 -7.14
HG2 ABA A 7 -4.98 3.07 -8.04
N ARG A 8 -2.62 0.56 -7.62
CA ARG A 8 -2.22 -0.14 -8.80
C ARG A 8 -3.44 -0.57 -9.58
N ARG A 9 -3.76 0.22 -10.60
CA ARG A 9 -4.90 0.03 -11.48
C ARG A 9 -6.18 -0.13 -10.65
N GLY A 10 -6.44 0.87 -9.85
CA GLY A 10 -7.60 0.88 -9.03
C GLY A 10 -7.43 0.14 -7.71
N VAL A 11 -6.51 -0.82 -7.66
CA VAL A 11 -6.32 -1.59 -6.45
C VAL A 11 -5.38 -0.86 -5.51
N ABA A 12 -5.94 -0.26 -4.50
CA ABA A 12 -5.15 0.44 -3.52
C ABA A 12 -4.67 -0.57 -2.49
O ABA A 12 -5.41 -0.94 -1.56
CB ABA A 12 -5.96 1.58 -2.87
CG ABA A 12 -5.16 2.41 -1.87
H ABA A 12 -6.91 -0.28 -4.41
HA ABA A 12 -4.28 0.85 -4.01
HB3 ABA A 12 -6.80 1.15 -2.35
HB2 ABA A 12 -6.31 2.24 -3.64
HG1 ABA A 12 -4.31 2.85 -2.38
HG3 ABA A 12 -5.79 3.17 -1.46
HG2 ABA A 12 -4.80 1.76 -1.08
N ARG A 13 -3.49 -1.06 -2.70
CA ARG A 13 -2.91 -2.05 -1.85
C ARG A 13 -2.13 -1.41 -0.74
N CYS A 14 -2.56 -1.65 0.46
CA CYS A 14 -1.86 -1.18 1.62
C CYS A 14 -1.02 -2.30 2.19
N VAL A 15 0.25 -2.07 2.29
CA VAL A 15 1.17 -3.03 2.82
C VAL A 15 2.08 -2.37 3.84
N ABA A 16 2.43 -3.09 4.85
CA ABA A 16 3.24 -2.57 5.91
C ABA A 16 4.70 -2.83 5.65
O ABA A 16 5.11 -3.97 5.40
CB ABA A 16 2.80 -3.18 7.24
CG ABA A 16 1.35 -2.91 7.57
H ABA A 16 2.15 -4.03 4.86
HA ABA A 16 3.08 -1.50 5.96
HB3 ABA A 16 3.41 -2.77 8.03
HB2 ABA A 16 2.94 -4.25 7.20
HG1 ABA A 16 0.72 -3.32 6.79
HG3 ABA A 16 1.10 -3.38 8.51
HG2 ABA A 16 1.18 -1.84 7.64
N ARG A 17 5.47 -1.78 5.66
CA ARG A 17 6.90 -1.84 5.46
C ARG A 17 7.59 -1.10 6.57
N ARG A 18 8.17 -1.86 7.50
CA ARG A 18 8.93 -1.33 8.64
C ARG A 18 8.02 -0.44 9.51
N GLY A 1 6.44 -1.17 9.71
CA GLY A 1 5.47 -0.38 10.41
C GLY A 1 4.91 0.76 9.57
N VAL A 2 5.51 1.01 8.44
CA VAL A 2 5.07 2.06 7.56
C VAL A 2 4.07 1.48 6.59
N ABA A 3 2.84 1.87 6.73
CA ABA A 3 1.80 1.44 5.85
C ABA A 3 1.71 2.43 4.70
O ABA A 3 1.35 3.59 4.90
CB ABA A 3 0.45 1.33 6.58
CG ABA A 3 -0.68 0.80 5.72
H ABA A 3 2.60 2.48 7.47
HA ABA A 3 2.07 0.46 5.46
HB3 ABA A 3 0.18 2.31 6.93
HB2 ABA A 3 0.57 0.67 7.42
HG1 ABA A 3 -0.81 1.46 4.87
HG3 ABA A 3 -0.44 -0.19 5.38
HG2 ABA A 3 -1.58 0.77 6.30
N ARG A 4 2.11 2.00 3.55
CA ARG A 4 2.05 2.84 2.39
C ARG A 4 1.08 2.26 1.40
N CYS A 5 0.11 3.04 1.03
CA CYS A 5 -0.89 2.59 0.11
C CYS A 5 -0.61 3.10 -1.29
N VAL A 6 -0.33 2.16 -2.16
CA VAL A 6 -0.04 2.43 -3.55
C VAL A 6 -1.21 1.89 -4.35
N ABA A 7 -1.74 2.66 -5.23
CA ABA A 7 -2.88 2.24 -6.00
C ABA A 7 -2.44 1.76 -7.36
O ABA A 7 -1.83 2.51 -8.13
CB ABA A 7 -3.91 3.34 -6.10
CG ABA A 7 -4.50 3.76 -4.78
H ABA A 7 -1.33 3.54 -5.40
HA ABA A 7 -3.32 1.40 -5.47
HB3 ABA A 7 -4.71 3.00 -6.74
HB2 ABA A 7 -3.45 4.21 -6.55
HG1 ABA A 7 -3.71 4.12 -4.13
HG3 ABA A 7 -5.22 4.56 -4.94
HG2 ABA A 7 -4.99 2.93 -4.31
N ARG A 8 -2.73 0.53 -7.66
CA ARG A 8 -2.40 -0.05 -8.93
C ARG A 8 -3.63 -0.66 -9.56
N ARG A 9 -4.07 -0.01 -10.62
CA ARG A 9 -5.25 -0.40 -11.41
C ARG A 9 -6.49 -0.40 -10.50
N GLY A 10 -6.58 0.62 -9.69
CA GLY A 10 -7.68 0.76 -8.79
C GLY A 10 -7.52 -0.04 -7.52
N VAL A 11 -6.58 -0.96 -7.50
CA VAL A 11 -6.34 -1.79 -6.35
C VAL A 11 -5.43 -1.05 -5.41
N ABA A 12 -5.95 -0.66 -4.27
CA ABA A 12 -5.19 0.02 -3.29
C ABA A 12 -4.38 -1.00 -2.52
O ABA A 12 -4.94 -1.85 -1.85
CB ABA A 12 -6.08 0.83 -2.35
CG ABA A 12 -5.33 1.64 -1.32
H ABA A 12 -6.89 -0.86 -4.10
HA ABA A 12 -4.51 0.70 -3.80
HB3 ABA A 12 -6.73 0.14 -1.83
HB2 ABA A 12 -6.68 1.50 -2.94
HG1 ABA A 12 -4.72 0.98 -0.72
HG3 ABA A 12 -4.70 2.36 -1.81
HG2 ABA A 12 -6.04 2.16 -0.69
N ARG A 13 -3.10 -0.97 -2.69
CA ARG A 13 -2.21 -1.86 -2.00
C ARG A 13 -1.65 -1.15 -0.82
N CYS A 14 -2.09 -1.48 0.34
CA CYS A 14 -1.50 -0.93 1.52
C CYS A 14 -0.51 -1.91 2.03
N VAL A 15 0.71 -1.55 1.87
CA VAL A 15 1.80 -2.40 2.24
C VAL A 15 2.36 -1.92 3.53
N ABA A 16 2.40 -2.79 4.48
CA ABA A 16 2.94 -2.51 5.77
C ABA A 16 4.37 -2.96 5.79
O ABA A 16 4.66 -4.16 5.88
CB ABA A 16 2.13 -3.21 6.86
CG ABA A 16 0.69 -2.77 6.96
H ABA A 16 2.06 -3.68 4.26
HA ABA A 16 2.90 -1.43 5.93
HB3 ABA A 16 2.61 -3.04 7.82
HB2 ABA A 16 2.13 -4.28 6.66
HG1 ABA A 16 0.65 -1.71 7.19
HG3 ABA A 16 0.20 -2.94 6.02
HG2 ABA A 16 0.18 -3.32 7.74
N ARG A 17 5.26 -2.04 5.64
CA ARG A 17 6.65 -2.34 5.57
C ARG A 17 7.35 -1.59 6.68
N ARG A 18 7.86 -2.33 7.67
CA ARG A 18 8.60 -1.75 8.81
C ARG A 18 7.68 -0.78 9.60
N GLY A 1 5.92 -1.21 10.08
CA GLY A 1 4.95 -0.32 10.63
C GLY A 1 4.53 0.78 9.66
N VAL A 2 5.42 1.16 8.76
CA VAL A 2 5.12 2.21 7.82
C VAL A 2 4.33 1.64 6.65
N ABA A 3 3.07 1.92 6.65
CA ABA A 3 2.18 1.39 5.66
C ABA A 3 2.21 2.25 4.38
O ABA A 3 1.94 3.46 4.43
CB ABA A 3 0.76 1.31 6.22
CG ABA A 3 -0.25 0.70 5.29
H ABA A 3 2.72 2.51 7.35
HA ABA A 3 2.51 0.40 5.40
HB3 ABA A 3 0.43 2.30 6.48
HB2 ABA A 3 0.78 0.71 7.12
HG1 ABA A 3 -1.21 0.66 5.77
HG3 ABA A 3 -0.32 1.30 4.39
HG2 ABA A 3 0.06 -0.30 5.03
N ARG A 4 2.58 1.63 3.30
CA ARG A 4 2.64 2.27 2.00
C ARG A 4 1.44 1.85 1.18
N CYS A 5 0.60 2.78 0.86
CA CYS A 5 -0.57 2.49 0.07
C CYS A 5 -0.39 2.97 -1.34
N VAL A 6 -0.40 2.05 -2.26
CA VAL A 6 -0.23 2.35 -3.66
C VAL A 6 -1.49 1.91 -4.39
N ABA A 7 -1.99 2.76 -5.25
CA ABA A 7 -3.22 2.50 -5.96
C ABA A 7 -2.93 2.29 -7.44
O ABA A 7 -2.66 3.24 -8.17
CB ABA A 7 -4.23 3.63 -5.75
CG ABA A 7 -5.58 3.39 -6.39
H ABA A 7 -1.50 3.59 -5.45
HA ABA A 7 -3.63 1.57 -5.56
HB3 ABA A 7 -3.82 4.54 -6.16
HB2 ABA A 7 -4.38 3.76 -4.68
HG1 ABA A 7 -6.02 2.49 -5.98
HG3 ABA A 7 -6.23 4.24 -6.19
HG2 ABA A 7 -5.45 3.28 -7.45
N ARG A 8 -2.94 1.05 -7.86
CA ARG A 8 -2.69 0.71 -9.24
C ARG A 8 -3.75 -0.22 -9.74
N ARG A 9 -4.29 0.06 -10.92
CA ARG A 9 -5.30 -0.77 -11.58
C ARG A 9 -6.57 -0.84 -10.68
N GLY A 10 -6.84 0.28 -10.04
CA GLY A 10 -7.95 0.42 -9.15
C GLY A 10 -7.79 -0.28 -7.82
N VAL A 11 -6.63 -0.87 -7.58
CA VAL A 11 -6.37 -1.58 -6.35
C VAL A 11 -5.50 -0.74 -5.43
N ABA A 12 -6.03 -0.40 -4.27
CA ABA A 12 -5.31 0.38 -3.28
C ABA A 12 -4.66 -0.59 -2.29
O ABA A 12 -5.25 -0.98 -1.27
CB ABA A 12 -6.24 1.36 -2.55
CG ABA A 12 -5.53 2.29 -1.58
H ABA A 12 -6.95 -0.69 -4.07
HA ABA A 12 -4.52 0.93 -3.80
HB3 ABA A 12 -6.98 0.79 -2.01
HB2 ABA A 12 -6.74 1.98 -3.30
HG1 ABA A 12 -6.25 2.95 -1.12
HG3 ABA A 12 -5.04 1.71 -0.82
HG2 ABA A 12 -4.81 2.88 -2.11
N ARG A 13 -3.46 -1.00 -2.62
CA ARG A 13 -2.74 -1.98 -1.84
C ARG A 13 -1.86 -1.29 -0.81
N CYS A 14 -2.08 -1.61 0.43
CA CYS A 14 -1.28 -1.08 1.49
C CYS A 14 -0.34 -2.14 2.02
N VAL A 15 0.93 -1.87 1.94
CA VAL A 15 1.95 -2.80 2.35
C VAL A 15 2.69 -2.21 3.53
N ABA A 16 2.82 -2.98 4.56
CA ABA A 16 3.46 -2.53 5.76
C ABA A 16 4.97 -2.76 5.70
O ABA A 16 5.43 -3.90 5.55
CB ABA A 16 2.86 -3.27 6.97
CG ABA A 16 3.44 -2.85 8.30
H ABA A 16 2.49 -3.90 4.49
HA ABA A 16 3.28 -1.49 5.88
HB3 ABA A 16 3.03 -4.33 6.86
HB2 ABA A 16 1.81 -3.08 7.00
HG1 ABA A 16 2.99 -3.43 9.10
HG3 ABA A 16 4.51 -3.03 8.30
HG2 ABA A 16 3.26 -1.80 8.46
N ARG A 17 5.71 -1.69 5.75
CA ARG A 17 7.15 -1.76 5.82
C ARG A 17 7.56 -1.27 7.19
N ARG A 18 7.78 -2.23 8.08
CA ARG A 18 8.13 -2.00 9.49
C ARG A 18 7.20 -0.93 10.11
N GLY A 1 5.77 -0.69 10.61
CA GLY A 1 5.04 0.50 10.92
C GLY A 1 4.89 1.45 9.74
N VAL A 2 5.72 1.30 8.73
CA VAL A 2 5.67 2.17 7.56
C VAL A 2 4.72 1.56 6.53
N ABA A 3 3.58 2.18 6.37
CA ABA A 3 2.58 1.69 5.45
C ABA A 3 2.50 2.58 4.22
O ABA A 3 2.42 3.80 4.33
CB ABA A 3 1.21 1.59 6.14
CG ABA A 3 0.12 1.00 5.27
H ABA A 3 3.40 3.01 6.86
HA ABA A 3 2.87 0.69 5.13
HB3 ABA A 3 0.91 2.60 6.43
HB2 ABA A 3 1.30 0.99 7.03
HG1 ABA A 3 0.37 -0.02 5.02
HG3 ABA A 3 -0.82 1.02 5.79
HG2 ABA A 3 0.02 1.58 4.37
N ARG A 4 2.54 1.96 3.06
CA ARG A 4 2.41 2.67 1.81
C ARG A 4 1.33 2.00 0.97
N CYS A 5 0.36 2.77 0.58
CA CYS A 5 -0.72 2.25 -0.23
C CYS A 5 -0.58 2.71 -1.65
N VAL A 6 -0.44 1.75 -2.53
CA VAL A 6 -0.31 2.02 -3.93
C VAL A 6 -1.62 1.69 -4.60
N ABA A 7 -2.16 2.64 -5.27
CA ABA A 7 -3.41 2.47 -5.93
C ABA A 7 -3.14 2.15 -7.38
O ABA A 7 -2.95 3.04 -8.21
CB ABA A 7 -4.29 3.72 -5.78
CG ABA A 7 -5.69 3.55 -6.35
H ABA A 7 -1.65 3.47 -5.33
HA ABA A 7 -3.91 1.62 -5.49
HB3 ABA A 7 -3.82 4.54 -6.30
HB2 ABA A 7 -4.39 3.96 -4.73
HG1 ABA A 7 -5.62 3.32 -7.40
HG3 ABA A 7 -6.19 2.74 -5.84
HG2 ABA A 7 -6.26 4.46 -6.21
N ARG A 8 -3.07 0.89 -7.68
CA ARG A 8 -2.77 0.43 -9.01
C ARG A 8 -4.02 -0.04 -9.74
N ARG A 9 -4.49 0.81 -10.63
CA ARG A 9 -5.63 0.54 -11.52
C ARG A 9 -6.89 0.14 -10.73
N GLY A 10 -7.13 0.87 -9.67
CA GLY A 10 -8.26 0.64 -8.85
C GLY A 10 -7.96 -0.19 -7.61
N VAL A 11 -6.87 -0.93 -7.63
CA VAL A 11 -6.53 -1.77 -6.49
C VAL A 11 -5.56 -1.04 -5.58
N ABA A 12 -6.00 -0.73 -4.40
CA ABA A 12 -5.17 -0.06 -3.43
C ABA A 12 -4.54 -1.12 -2.52
O ABA A 12 -5.16 -1.62 -1.58
CB ABA A 12 -5.99 0.95 -2.62
CG ABA A 12 -5.17 1.76 -1.63
H ABA A 12 -6.92 -0.96 -4.14
HA ABA A 12 -4.39 0.45 -3.95
HB3 ABA A 12 -6.75 0.42 -2.06
HB2 ABA A 12 -6.47 1.64 -3.30
HG1 ABA A 12 -4.70 1.09 -0.93
HG3 ABA A 12 -4.41 2.31 -2.17
HG2 ABA A 12 -5.82 2.44 -1.11
N ARG A 13 -3.33 -1.47 -2.83
CA ARG A 13 -2.63 -2.46 -2.08
C ARG A 13 -1.64 -1.77 -1.16
N CYS A 14 -1.71 -2.07 0.11
CA CYS A 14 -0.87 -1.43 1.08
C CYS A 14 0.22 -2.35 1.56
N VAL A 15 1.42 -1.88 1.48
CA VAL A 15 2.56 -2.60 1.97
C VAL A 15 2.92 -1.97 3.28
N ABA A 16 3.06 -2.75 4.29
CA ABA A 16 3.37 -2.24 5.59
C ABA A 16 4.61 -2.92 6.09
O ABA A 16 4.64 -4.13 6.27
CB ABA A 16 2.19 -2.48 6.56
CG ABA A 16 2.41 -1.92 7.94
H ABA A 16 2.98 -3.71 4.14
HA ABA A 16 3.55 -1.18 5.52
HB3 ABA A 16 2.02 -3.55 6.65
HB2 ABA A 16 1.30 -2.02 6.14
HG1 ABA A 16 2.55 -0.85 7.88
HG3 ABA A 16 1.56 -2.14 8.57
HG2 ABA A 16 3.30 -2.37 8.37
N ARG A 17 5.64 -2.14 6.28
CA ARG A 17 6.86 -2.69 6.75
C ARG A 17 7.33 -1.92 7.96
N ARG A 18 7.27 -2.59 9.10
CA ARG A 18 7.72 -2.08 10.39
C ARG A 18 7.07 -0.72 10.69
N GLY A 1 6.52 -1.16 10.13
CA GLY A 1 5.77 -0.13 10.74
C GLY A 1 5.29 0.94 9.79
N VAL A 2 5.80 0.97 8.58
CA VAL A 2 5.37 1.97 7.62
C VAL A 2 4.36 1.39 6.65
N ABA A 3 3.14 1.80 6.78
CA ABA A 3 2.08 1.38 5.89
C ABA A 3 1.92 2.43 4.80
O ABA A 3 1.83 3.63 5.09
CB ABA A 3 0.77 1.17 6.66
CG ABA A 3 -0.37 0.64 5.82
H ABA A 3 2.91 2.43 7.49
HA ABA A 3 2.38 0.45 5.42
HB3 ABA A 3 0.46 2.12 7.07
HB2 ABA A 3 0.94 0.47 7.46
HG1 ABA A 3 -0.09 -0.32 5.39
HG3 ABA A 3 -1.25 0.51 6.42
HG2 ABA A 3 -0.58 1.33 5.01
N ARG A 4 1.93 2.00 3.57
CA ARG A 4 1.81 2.87 2.45
C ARG A 4 0.83 2.29 1.45
N CYS A 5 -0.16 3.05 1.13
CA CYS A 5 -1.20 2.63 0.22
C CYS A 5 -1.04 3.28 -1.13
N VAL A 6 -0.90 2.46 -2.15
CA VAL A 6 -0.75 2.92 -3.50
C VAL A 6 -1.77 2.18 -4.35
N ABA A 7 -2.41 2.88 -5.23
CA ABA A 7 -3.37 2.26 -6.11
C ABA A 7 -2.66 1.60 -7.29
O ABA A 7 -1.95 2.26 -8.06
CB ABA A 7 -4.48 3.23 -6.55
CG ABA A 7 -3.99 4.52 -7.18
H ABA A 7 -2.23 3.84 -5.31
HA ABA A 7 -3.81 1.46 -5.55
HB3 ABA A 7 -5.08 3.48 -5.69
HB2 ABA A 7 -5.10 2.74 -7.27
HG1 ABA A 7 -4.84 5.12 -7.48
HG3 ABA A 7 -3.40 5.08 -6.45
HG2 ABA A 7 -3.38 4.29 -8.04
N ARG A 8 -2.81 0.33 -7.38
CA ARG A 8 -2.23 -0.46 -8.43
C ARG A 8 -3.39 -1.05 -9.22
N ARG A 9 -3.56 -0.58 -10.44
CA ARG A 9 -4.61 -1.01 -11.35
C ARG A 9 -5.98 -0.80 -10.69
N GLY A 10 -6.13 0.39 -10.11
CA GLY A 10 -7.34 0.78 -9.46
C GLY A 10 -7.55 0.17 -8.09
N VAL A 11 -6.69 -0.72 -7.67
CA VAL A 11 -6.83 -1.36 -6.38
C VAL A 11 -5.86 -0.73 -5.40
N ABA A 12 -6.37 -0.22 -4.31
CA ABA A 12 -5.55 0.39 -3.29
C ABA A 12 -4.79 -0.69 -2.52
O ABA A 12 -5.38 -1.40 -1.70
CB ABA A 12 -6.41 1.23 -2.32
CG ABA A 12 -5.60 1.97 -1.27
H ABA A 12 -7.35 -0.25 -4.16
HA ABA A 12 -4.83 1.03 -3.78
HB3 ABA A 12 -7.10 0.58 -1.82
HB2 ABA A 12 -6.95 1.96 -2.90
HG1 ABA A 12 -6.27 2.54 -0.64
HG3 ABA A 12 -5.06 1.25 -0.66
HG2 ABA A 12 -4.90 2.63 -1.75
N ARG A 13 -3.54 -0.84 -2.81
CA ARG A 13 -2.71 -1.81 -2.16
C ARG A 13 -1.90 -1.16 -1.07
N CYS A 14 -2.12 -1.58 0.13
CA CYS A 14 -1.41 -1.07 1.25
C CYS A 14 -0.33 -2.04 1.63
N VAL A 15 0.88 -1.58 1.58
CA VAL A 15 2.03 -2.36 1.94
C VAL A 15 2.56 -1.83 3.25
N ABA A 16 2.84 -2.70 4.16
CA ABA A 16 3.33 -2.32 5.45
C ABA A 16 4.72 -2.88 5.62
O ABA A 16 4.89 -4.09 5.66
CB ABA A 16 2.39 -2.81 6.55
CG ABA A 16 2.78 -2.34 7.95
H ABA A 16 2.74 -3.65 3.93
HA ABA A 16 3.39 -1.23 5.48
HB3 ABA A 16 2.39 -3.89 6.54
HB2 ABA A 16 1.39 -2.45 6.35
HG1 ABA A 16 3.76 -2.70 8.18
HG3 ABA A 16 2.76 -1.27 7.99
HG2 ABA A 16 2.08 -2.75 8.66
N ARG A 17 5.69 -2.01 5.67
CA ARG A 17 7.05 -2.41 5.82
C ARG A 17 7.66 -1.78 7.05
N ARG A 18 7.83 -2.61 8.05
CA ARG A 18 8.49 -2.28 9.31
C ARG A 18 7.82 -1.06 9.96
N GLY A 1 6.24 -1.05 9.84
CA GLY A 1 5.51 -0.01 10.45
C GLY A 1 5.07 1.06 9.46
N VAL A 2 5.70 1.11 8.32
CA VAL A 2 5.37 2.11 7.32
C VAL A 2 4.29 1.56 6.40
N ABA A 3 3.09 2.05 6.58
CA ABA A 3 1.97 1.66 5.75
C ABA A 3 1.96 2.52 4.50
O ABA A 3 1.66 3.72 4.55
CB ABA A 3 0.64 1.82 6.52
CG ABA A 3 -0.58 1.37 5.74
H ABA A 3 2.94 2.72 7.29
HA ABA A 3 2.10 0.63 5.47
HB3 ABA A 3 0.52 2.86 6.79
HB2 ABA A 3 0.68 1.22 7.42
HG1 ABA A 3 -0.49 0.32 5.49
HG3 ABA A 3 -1.47 1.53 6.34
HG2 ABA A 3 -0.65 1.95 4.83
N ARG A 4 2.33 1.94 3.40
CA ARG A 4 2.34 2.64 2.15
C ARG A 4 1.22 2.12 1.27
N CYS A 5 0.25 2.95 1.00
CA CYS A 5 -0.88 2.55 0.18
C CYS A 5 -0.67 2.98 -1.26
N VAL A 6 -0.59 2.02 -2.11
CA VAL A 6 -0.38 2.27 -3.52
C VAL A 6 -1.63 1.88 -4.28
N ABA A 7 -2.11 2.78 -5.06
CA ABA A 7 -3.26 2.55 -5.88
C ABA A 7 -2.78 2.03 -7.23
O ABA A 7 -2.42 2.81 -8.12
CB ABA A 7 -4.08 3.82 -6.06
CG ABA A 7 -4.67 4.35 -4.76
H ABA A 7 -1.64 3.64 -5.08
HA ABA A 7 -3.87 1.77 -5.43
HB3 ABA A 7 -4.90 3.62 -6.73
HB2 ABA A 7 -3.45 4.58 -6.48
HG1 ABA A 7 -5.22 5.26 -4.95
HG3 ABA A 7 -5.34 3.61 -4.34
HG2 ABA A 7 -3.87 4.56 -4.06
N ARG A 8 -2.71 0.74 -7.34
CA ARG A 8 -2.19 0.12 -8.52
C ARG A 8 -3.34 -0.43 -9.36
N ARG A 9 -3.72 0.36 -10.36
CA ARG A 9 -4.77 0.02 -11.34
C ARG A 9 -6.10 -0.36 -10.65
N GLY A 10 -6.46 0.43 -9.68
CA GLY A 10 -7.66 0.23 -8.96
C GLY A 10 -7.46 -0.50 -7.67
N VAL A 11 -6.38 -1.24 -7.57
CA VAL A 11 -6.09 -1.97 -6.37
C VAL A 11 -5.35 -1.08 -5.41
N ABA A 12 -6.04 -0.59 -4.42
CA ABA A 12 -5.44 0.20 -3.38
C ABA A 12 -4.81 -0.77 -2.41
O ABA A 12 -5.49 -1.33 -1.54
CB ABA A 12 -6.49 1.07 -2.68
CG ABA A 12 -5.91 1.98 -1.60
H ABA A 12 -7.01 -0.77 -4.39
HA ABA A 12 -4.67 0.81 -3.81
HB3 ABA A 12 -7.22 0.42 -2.21
HB2 ABA A 12 -6.97 1.70 -3.40
HG1 ABA A 12 -5.21 2.66 -2.04
HG3 ABA A 12 -6.71 2.53 -1.13
HG2 ABA A 12 -5.42 1.37 -0.85
N ARG A 13 -3.56 -1.04 -2.59
CA ARG A 13 -2.87 -2.00 -1.79
C ARG A 13 -2.01 -1.30 -0.77
N CYS A 14 -2.29 -1.56 0.46
CA CYS A 14 -1.49 -1.02 1.52
C CYS A 14 -0.46 -2.02 1.94
N VAL A 15 0.77 -1.66 1.71
CA VAL A 15 1.89 -2.48 2.04
C VAL A 15 2.51 -1.90 3.27
N ABA A 16 2.48 -2.67 4.29
CA ABA A 16 3.04 -2.27 5.54
C ABA A 16 4.44 -2.81 5.65
O ABA A 16 4.64 -4.03 5.76
CB ABA A 16 2.17 -2.75 6.70
CG ABA A 16 0.74 -2.24 6.64
H ABA A 16 2.10 -3.56 4.19
HA ABA A 16 3.09 -1.18 5.56
HB3 ABA A 16 2.62 -2.39 7.62
HB2 ABA A 16 2.15 -3.83 6.72
HG1 ABA A 16 0.28 -2.58 5.73
HG3 ABA A 16 0.20 -2.64 7.49
HG2 ABA A 16 0.74 -1.17 6.68
N ARG A 17 5.39 -1.94 5.56
CA ARG A 17 6.77 -2.31 5.63
C ARG A 17 7.39 -1.75 6.89
N ARG A 18 7.52 -2.61 7.89
CA ARG A 18 8.19 -2.29 9.16
C ARG A 18 7.55 -1.07 9.84
N GLY A 1 7.24 -1.97 8.09
CA GLY A 1 6.49 -1.56 9.23
C GLY A 1 5.51 -0.45 8.93
N VAL A 2 5.82 0.38 7.96
CA VAL A 2 5.00 1.53 7.66
C VAL A 2 3.99 1.18 6.59
N ABA A 3 2.75 1.26 6.93
CA ABA A 3 1.70 0.98 6.00
C ABA A 3 1.38 2.24 5.23
O ABA A 3 1.11 3.30 5.84
CB ABA A 3 0.47 0.44 6.70
CG ABA A 3 -0.67 0.06 5.77
H ABA A 3 2.52 1.52 7.85
HA ABA A 3 2.06 0.24 5.29
HB3 ABA A 3 0.11 1.18 7.39
HB2 ABA A 3 0.75 -0.45 7.25
HG1 ABA A 3 -0.98 0.95 5.24
HG3 ABA A 3 -0.33 -0.67 5.06
HG2 ABA A 3 -1.49 -0.33 6.34
N ARG A 4 1.45 2.16 3.94
CA ARG A 4 1.13 3.25 3.07
C ARG A 4 0.07 2.81 2.11
N CYS A 5 -0.90 3.63 1.91
CA CYS A 5 -1.94 3.31 0.98
C CYS A 5 -1.58 3.78 -0.40
N VAL A 6 -1.48 2.83 -1.30
CA VAL A 6 -1.00 3.05 -2.64
C VAL A 6 -1.99 2.43 -3.63
N ABA A 7 -2.04 2.96 -4.82
CA ABA A 7 -2.83 2.36 -5.86
C ABA A 7 -1.99 1.22 -6.43
O ABA A 7 -1.16 1.43 -7.33
CB ABA A 7 -3.19 3.42 -6.91
CG ABA A 7 -4.19 2.94 -7.94
H ABA A 7 -1.54 3.76 -5.03
HA ABA A 7 -3.73 1.95 -5.40
HB3 ABA A 7 -2.29 3.70 -7.43
HB2 ABA A 7 -3.62 4.28 -6.42
HG1 ABA A 7 -3.79 2.08 -8.45
HG3 ABA A 7 -5.12 2.67 -7.45
HG2 ABA A 7 -4.38 3.73 -8.65
N ARG A 8 -2.17 0.06 -5.86
CA ARG A 8 -1.39 -1.10 -6.15
C ARG A 8 -2.14 -1.94 -7.15
N ARG A 9 -1.60 -2.02 -8.35
CA ARG A 9 -2.19 -2.77 -9.47
C ARG A 9 -3.54 -2.12 -9.82
N GLY A 10 -3.56 -0.81 -9.72
CA GLY A 10 -4.74 -0.05 -9.97
C GLY A 10 -5.76 -0.10 -8.83
N VAL A 11 -5.45 -0.85 -7.78
CA VAL A 11 -6.35 -1.01 -6.66
C VAL A 11 -5.81 -0.27 -5.46
N ABA A 12 -6.62 0.52 -4.83
CA ABA A 12 -6.21 1.24 -3.65
C ABA A 12 -6.11 0.23 -2.49
O ABA A 12 -7.12 -0.20 -1.94
CB ABA A 12 -7.21 2.35 -3.31
CG ABA A 12 -6.82 3.17 -2.10
H ABA A 12 -7.53 0.62 -5.18
HA ABA A 12 -5.24 1.66 -3.83
HB3 ABA A 12 -8.18 1.91 -3.12
HB2 ABA A 12 -7.29 3.01 -4.15
HG1 ABA A 12 -6.75 2.53 -1.24
HG3 ABA A 12 -5.87 3.65 -2.27
HG2 ABA A 12 -7.57 3.93 -1.93
N ARG A 13 -4.91 -0.13 -2.17
CA ARG A 13 -4.67 -1.11 -1.16
C ARG A 13 -3.54 -0.59 -0.30
N CYS A 14 -3.57 -0.88 0.96
CA CYS A 14 -2.53 -0.40 1.82
C CYS A 14 -1.49 -1.49 2.01
N VAL A 15 -0.25 -1.12 1.75
CA VAL A 15 0.86 -2.03 1.80
C VAL A 15 1.78 -1.66 2.95
N ABA A 16 2.30 -2.67 3.60
CA ABA A 16 3.18 -2.47 4.71
C ABA A 16 4.61 -2.52 4.23
O ABA A 16 5.11 -3.58 3.85
CB ABA A 16 2.93 -3.53 5.78
CG ABA A 16 3.73 -3.32 7.05
H ABA A 16 2.10 -3.57 3.28
HA ABA A 16 2.99 -1.50 5.13
HB3 ABA A 16 3.19 -4.51 5.38
HB2 ABA A 16 1.89 -3.53 6.05
HG1 ABA A 16 3.50 -4.11 7.76
HG3 ABA A 16 4.79 -3.34 6.82
HG2 ABA A 16 3.48 -2.36 7.48
N ARG A 17 5.21 -1.39 4.19
CA ARG A 17 6.58 -1.24 3.77
C ARG A 17 7.45 -1.01 4.97
N ARG A 18 8.11 -2.06 5.41
CA ARG A 18 9.08 -2.02 6.51
C ARG A 18 8.41 -1.43 7.78
N GLY A 1 6.02 -0.70 10.10
CA GLY A 1 4.97 0.16 10.55
C GLY A 1 4.55 1.24 9.57
N VAL A 2 5.21 1.32 8.43
CA VAL A 2 4.86 2.27 7.42
C VAL A 2 3.97 1.59 6.41
N ABA A 3 2.75 2.04 6.32
CA ABA A 3 1.79 1.45 5.42
C ABA A 3 1.88 2.14 4.07
O ABA A 3 1.35 3.24 3.89
CB ABA A 3 0.38 1.57 6.01
CG ABA A 3 -0.68 0.90 5.17
H ABA A 3 2.48 2.82 6.86
HA ABA A 3 2.05 0.41 5.30
HB3 ABA A 3 0.12 2.61 6.12
HB2 ABA A 3 0.36 1.10 6.98
HG1 ABA A 3 -0.69 1.36 4.18
HG3 ABA A 3 -0.46 -0.15 5.07
HG2 ABA A 3 -1.66 1.04 5.63
N ARG A 4 2.58 1.53 3.16
CA ARG A 4 2.75 2.07 1.85
C ARG A 4 1.61 1.59 0.97
N CYS A 5 0.76 2.52 0.59
CA CYS A 5 -0.37 2.21 -0.22
C CYS A 5 -0.12 2.60 -1.65
N VAL A 6 -0.12 1.61 -2.48
CA VAL A 6 0.10 1.78 -3.88
C VAL A 6 -1.21 1.54 -4.58
N ABA A 7 -1.67 2.53 -5.27
CA ABA A 7 -2.93 2.45 -5.96
C ABA A 7 -2.70 2.12 -7.43
O ABA A 7 -2.35 2.98 -8.25
CB ABA A 7 -3.75 3.74 -5.75
CG ABA A 7 -3.02 5.04 -6.06
H ABA A 7 -1.11 3.32 -5.35
HA ABA A 7 -3.47 1.62 -5.54
HB3 ABA A 7 -4.10 3.77 -4.74
HB2 ABA A 7 -4.60 3.70 -6.41
HG1 ABA A 7 -3.68 5.88 -5.88
HG3 ABA A 7 -2.16 5.12 -5.42
HG2 ABA A 7 -2.71 5.05 -7.10
N ARG A 8 -2.85 0.87 -7.76
CA ARG A 8 -2.65 0.41 -9.09
C ARG A 8 -3.98 0.01 -9.71
N ARG A 9 -4.54 0.90 -10.50
CA ARG A 9 -5.79 0.67 -11.24
C ARG A 9 -6.93 0.26 -10.29
N GLY A 10 -7.12 1.04 -9.26
CA GLY A 10 -8.14 0.77 -8.30
C GLY A 10 -7.68 -0.11 -7.17
N VAL A 11 -6.62 -0.87 -7.38
CA VAL A 11 -6.11 -1.75 -6.36
C VAL A 11 -5.23 -0.96 -5.41
N ABA A 12 -5.75 -0.65 -4.25
CA ABA A 12 -5.00 0.06 -3.25
C ABA A 12 -4.29 -0.95 -2.37
O ABA A 12 -4.77 -1.33 -1.29
CB ABA A 12 -5.92 0.97 -2.42
CG ABA A 12 -5.19 1.86 -1.42
H ABA A 12 -6.68 -0.91 -4.06
HA ABA A 12 -4.26 0.66 -3.75
HB3 ABA A 12 -6.62 0.35 -1.87
HB2 ABA A 12 -6.47 1.62 -3.09
HG1 ABA A 12 -5.90 2.45 -0.87
HG3 ABA A 12 -4.62 1.23 -0.75
HG2 ABA A 12 -4.51 2.51 -1.95
N ARG A 13 -3.17 -1.40 -2.84
CA ARG A 13 -2.37 -2.36 -2.15
C ARG A 13 -1.53 -1.67 -1.10
N CYS A 14 -1.91 -1.85 0.13
CA CYS A 14 -1.20 -1.29 1.24
C CYS A 14 -0.33 -2.36 1.87
N VAL A 15 0.94 -2.10 1.87
CA VAL A 15 1.91 -2.99 2.45
C VAL A 15 2.50 -2.31 3.65
N ABA A 16 2.51 -2.96 4.76
CA ABA A 16 3.06 -2.42 5.96
C ABA A 16 4.50 -2.84 6.11
O ABA A 16 4.80 -4.03 6.29
CB ABA A 16 2.20 -2.77 7.19
CG ABA A 16 1.93 -4.26 7.38
H ABA A 16 2.15 -3.87 4.75
HA ABA A 16 3.05 -1.34 5.83
HB3 ABA A 16 1.24 -2.26 7.12
HB2 ABA A 16 2.71 -2.43 8.08
HG1 ABA A 16 1.34 -4.41 8.28
HG3 ABA A 16 1.40 -4.65 6.53
HG2 ABA A 16 2.87 -4.78 7.48
N ARG A 17 5.40 -1.91 5.98
CA ARG A 17 6.81 -2.18 6.08
C ARG A 17 7.37 -1.34 7.22
N ARG A 18 7.74 -2.00 8.32
CA ARG A 18 8.28 -1.33 9.52
C ARG A 18 7.26 -0.30 10.02
N GLY A 1 6.54 -1.45 9.61
CA GLY A 1 5.57 -0.65 10.27
C GLY A 1 5.09 0.52 9.44
N VAL A 2 5.80 0.83 8.36
CA VAL A 2 5.41 1.92 7.49
C VAL A 2 4.37 1.42 6.51
N ABA A 3 3.17 1.86 6.68
CA ABA A 3 2.08 1.44 5.85
C ABA A 3 1.79 2.51 4.81
O ABA A 3 1.46 3.65 5.15
CB ABA A 3 0.84 1.18 6.72
CG ABA A 3 -0.37 0.67 5.95
H ABA A 3 2.99 2.51 7.39
HA ABA A 3 2.35 0.52 5.35
HB3 ABA A 3 0.54 2.10 7.21
HB2 ABA A 3 1.07 0.45 7.47
HG1 ABA A 3 -0.65 1.39 5.21
HG3 ABA A 3 -0.11 -0.27 5.46
HG2 ABA A 3 -1.19 0.51 6.63
N ARG A 4 1.95 2.16 3.57
CA ARG A 4 1.72 3.07 2.48
C ARG A 4 0.68 2.48 1.54
N CYS A 5 -0.28 3.28 1.15
CA CYS A 5 -1.35 2.82 0.31
C CYS A 5 -1.11 3.18 -1.13
N VAL A 6 -0.99 2.17 -1.94
CA VAL A 6 -0.68 2.33 -3.33
C VAL A 6 -1.88 1.88 -4.16
N ABA A 7 -2.21 2.66 -5.13
CA ABA A 7 -3.28 2.36 -6.04
C ABA A 7 -2.68 1.69 -7.25
O ABA A 7 -2.26 2.35 -8.20
CB ABA A 7 -4.04 3.63 -6.43
CG ABA A 7 -4.66 4.37 -5.27
H ABA A 7 -1.68 3.47 -5.28
HA ABA A 7 -3.95 1.66 -5.56
HB3 ABA A 7 -4.83 3.37 -7.12
HB2 ABA A 7 -3.35 4.30 -6.92
HG1 ABA A 7 -3.89 4.66 -4.57
HG3 ABA A 7 -5.16 5.25 -5.62
HG2 ABA A 7 -5.37 3.73 -4.77
N ARG A 8 -2.59 0.40 -7.19
CA ARG A 8 -1.99 -0.37 -8.24
C ARG A 8 -3.06 -0.96 -9.13
N ARG A 9 -3.17 -0.40 -10.32
CA ARG A 9 -4.09 -0.85 -11.37
C ARG A 9 -5.53 -0.73 -10.86
N GLY A 10 -5.77 0.36 -10.16
CA GLY A 10 -7.04 0.65 -9.58
C GLY A 10 -7.23 0.05 -8.20
N VAL A 11 -6.40 -0.92 -7.87
CA VAL A 11 -6.52 -1.63 -6.62
C VAL A 11 -5.67 -0.94 -5.55
N ABA A 12 -6.32 -0.34 -4.60
CA ABA A 12 -5.63 0.37 -3.53
C ABA A 12 -5.31 -0.61 -2.40
O ABA A 12 -6.22 -1.07 -1.69
CB ABA A 12 -6.47 1.55 -3.02
CG ABA A 12 -5.82 2.36 -1.92
H ABA A 12 -7.30 -0.37 -4.59
HA ABA A 12 -4.70 0.74 -3.92
HB3 ABA A 12 -7.42 1.17 -2.64
HB2 ABA A 12 -6.67 2.21 -3.85
HG1 ABA A 12 -5.63 1.74 -1.07
HG3 ABA A 12 -4.88 2.76 -2.29
HG2 ABA A 12 -6.47 3.18 -1.64
N ARG A 13 -4.06 -0.93 -2.27
CA ARG A 13 -3.59 -1.83 -1.22
C ARG A 13 -2.56 -1.12 -0.40
N CYS A 14 -2.62 -1.32 0.88
CA CYS A 14 -1.69 -0.71 1.77
C CYS A 14 -0.64 -1.70 2.18
N VAL A 15 0.58 -1.41 1.83
CA VAL A 15 1.67 -2.29 2.10
C VAL A 15 2.44 -1.76 3.29
N ABA A 16 2.81 -2.66 4.14
CA ABA A 16 3.51 -2.34 5.33
C ABA A 16 4.96 -2.79 5.21
O ABA A 16 5.26 -3.93 4.85
CB ABA A 16 2.82 -2.97 6.55
CG ABA A 16 2.58 -4.47 6.43
H ABA A 16 2.64 -3.60 3.92
HA ABA A 16 3.51 -1.27 5.44
HB3 ABA A 16 1.87 -2.48 6.71
HB2 ABA A 16 3.44 -2.82 7.41
HG1 ABA A 16 3.52 -4.98 6.28
HG3 ABA A 16 2.11 -4.84 7.32
HG2 ABA A 16 1.92 -4.65 5.58
N ARG A 17 5.85 -1.87 5.43
CA ARG A 17 7.25 -2.13 5.42
C ARG A 17 7.85 -1.62 6.70
N ARG A 18 8.11 -2.53 7.62
CA ARG A 18 8.70 -2.21 8.93
C ARG A 18 7.81 -1.21 9.68
N GLY A 1 7.01 -0.77 9.49
CA GLY A 1 6.17 -0.07 10.41
C GLY A 1 5.26 0.96 9.77
N VAL A 2 5.53 1.33 8.54
CA VAL A 2 4.74 2.34 7.88
C VAL A 2 3.80 1.66 6.91
N ABA A 3 2.53 1.93 7.03
CA ABA A 3 1.57 1.39 6.11
C ABA A 3 1.72 2.14 4.79
O ABA A 3 1.40 3.34 4.69
CB ABA A 3 0.14 1.50 6.67
CG ABA A 3 -0.90 0.87 5.77
H ABA A 3 2.22 2.50 7.76
HA ABA A 3 1.82 0.36 5.94
HB3 ABA A 3 -0.10 2.54 6.80
HB2 ABA A 3 0.10 0.99 7.62
HG1 ABA A 3 -1.88 0.97 6.23
HG3 ABA A 3 -0.91 1.39 4.81
HG2 ABA A 3 -0.68 -0.17 5.61
N ARG A 4 2.24 1.45 3.82
CA ARG A 4 2.49 2.01 2.52
C ARG A 4 1.41 1.54 1.58
N CYS A 5 0.58 2.44 1.17
CA CYS A 5 -0.52 2.15 0.29
C CYS A 5 -0.21 2.59 -1.12
N VAL A 6 -0.30 1.66 -2.03
CA VAL A 6 -0.01 1.88 -3.42
C VAL A 6 -1.26 1.58 -4.22
N ABA A 7 -1.56 2.39 -5.17
CA ABA A 7 -2.70 2.19 -6.00
C ABA A 7 -2.24 1.82 -7.38
O ABA A 7 -1.51 2.59 -8.04
CB ABA A 7 -3.58 3.43 -6.03
CG ABA A 7 -4.87 3.25 -6.83
H ABA A 7 -0.97 3.16 -5.35
HA ABA A 7 -3.27 1.36 -5.60
HB3 ABA A 7 -3.03 4.24 -6.48
HB2 ABA A 7 -3.86 3.70 -5.03
HG1 ABA A 7 -5.42 4.18 -6.82
HG3 ABA A 7 -4.62 3.00 -7.85
HG2 ABA A 7 -5.46 2.47 -6.40
N ARG A 8 -2.60 0.65 -7.82
CA ARG A 8 -2.25 0.20 -9.12
C ARG A 8 -3.48 -0.35 -9.80
N ARG A 9 -3.88 0.34 -10.86
CA ARG A 9 -5.02 -0.01 -11.70
C ARG A 9 -6.30 -0.14 -10.87
N GLY A 10 -6.54 0.85 -10.05
CA GLY A 10 -7.71 0.90 -9.23
C GLY A 10 -7.63 0.02 -8.00
N VAL A 11 -6.52 -0.66 -7.81
CA VAL A 11 -6.33 -1.49 -6.63
C VAL A 11 -5.42 -0.77 -5.66
N ABA A 12 -5.99 -0.27 -4.59
CA ABA A 12 -5.23 0.38 -3.56
C ABA A 12 -4.85 -0.64 -2.50
O ABA A 12 -5.69 -1.07 -1.70
CB ABA A 12 -6.02 1.54 -2.94
CG ABA A 12 -5.26 2.34 -1.91
H ABA A 12 -6.96 -0.35 -4.48
HA ABA A 12 -4.32 0.78 -4.00
HB3 ABA A 12 -6.91 1.13 -2.46
HB2 ABA A 12 -6.33 2.22 -3.72
HG1 ABA A 12 -5.89 3.13 -1.52
HG3 ABA A 12 -4.96 1.69 -1.10
HG2 ABA A 12 -4.38 2.77 -2.37
N ARG A 13 -3.63 -1.06 -2.53
CA ARG A 13 -3.14 -2.06 -1.61
C ARG A 13 -2.30 -1.43 -0.54
N CYS A 14 -2.58 -1.76 0.68
CA CYS A 14 -1.82 -1.25 1.79
C CYS A 14 -0.99 -2.36 2.38
N VAL A 15 0.30 -2.14 2.41
CA VAL A 15 1.23 -3.11 2.92
C VAL A 15 2.04 -2.45 4.02
N ABA A 16 2.33 -3.18 5.06
CA ABA A 16 3.12 -2.68 6.14
C ABA A 16 4.56 -2.78 5.73
O ABA A 16 5.10 -3.88 5.54
CB ABA A 16 2.89 -3.48 7.42
CG ABA A 16 3.71 -2.99 8.61
H ABA A 16 2.00 -4.11 5.09
HA ABA A 16 2.87 -1.64 6.30
HB3 ABA A 16 3.12 -4.52 7.25
HB2 ABA A 16 1.84 -3.39 7.69
HG1 ABA A 16 3.51 -3.63 9.45
HG3 ABA A 16 4.75 -3.05 8.35
HG2 ABA A 16 3.44 -1.98 8.84
N ARG A 17 5.18 -1.65 5.55
CA ARG A 17 6.53 -1.59 5.10
C ARG A 17 7.34 -0.89 6.19
N ARG A 18 8.04 -1.68 6.99
CA ARG A 18 8.91 -1.19 8.06
C ARG A 18 8.13 -0.26 9.01
N GLY A 1 6.43 -1.08 10.01
CA GLY A 1 5.47 -0.12 10.46
C GLY A 1 5.15 0.93 9.41
N VAL A 2 5.88 0.94 8.32
CA VAL A 2 5.66 1.91 7.27
C VAL A 2 4.60 1.36 6.34
N ABA A 3 3.43 1.96 6.38
CA ABA A 3 2.32 1.52 5.59
C ABA A 3 2.11 2.50 4.45
O ABA A 3 1.76 3.66 4.68
CB ABA A 3 1.05 1.38 6.43
CG ABA A 3 -0.15 0.86 5.64
H ABA A 3 3.33 2.74 6.96
HA ABA A 3 2.57 0.56 5.15
HB3 ABA A 3 0.79 2.35 6.84
HB2 ABA A 3 1.25 0.69 7.23
HG1 ABA A 3 0.09 -0.10 5.23
HG3 ABA A 3 -0.99 0.77 6.30
HG2 ABA A 3 -0.38 1.55 4.84
N ARG A 4 2.34 2.03 3.27
CA ARG A 4 2.18 2.83 2.09
C ARG A 4 1.02 2.32 1.25
N CYS A 5 0.03 3.14 1.07
CA CYS A 5 -1.10 2.80 0.26
C CYS A 5 -0.96 3.41 -1.12
N VAL A 6 -1.03 2.57 -2.10
CA VAL A 6 -0.96 2.99 -3.47
C VAL A 6 -2.00 2.25 -4.28
N ABA A 7 -2.70 2.98 -5.10
CA ABA A 7 -3.73 2.40 -5.92
C ABA A 7 -3.15 1.88 -7.23
O ABA A 7 -2.99 2.63 -8.21
CB ABA A 7 -4.92 3.36 -6.10
CG ABA A 7 -4.54 4.74 -6.58
H ABA A 7 -2.48 3.93 -5.15
HA ABA A 7 -4.07 1.52 -5.39
HB3 ABA A 7 -5.44 3.45 -5.17
HB2 ABA A 7 -5.59 2.94 -6.84
HG1 ABA A 7 -4.03 4.67 -7.52
HG3 ABA A 7 -5.45 5.32 -6.71
HG2 ABA A 7 -3.91 5.22 -5.85
N ARG A 8 -2.84 0.62 -7.24
CA ARG A 8 -2.22 -0.01 -8.36
C ARG A 8 -3.27 -0.64 -9.24
N ARG A 9 -3.49 -0.04 -10.39
CA ARG A 9 -4.44 -0.50 -11.39
C ARG A 9 -5.84 -0.63 -10.76
N GLY A 10 -6.23 0.40 -10.04
CA GLY A 10 -7.50 0.44 -9.41
C GLY A 10 -7.53 -0.23 -8.04
N VAL A 11 -6.59 -1.10 -7.77
CA VAL A 11 -6.58 -1.82 -6.52
C VAL A 11 -5.70 -1.10 -5.50
N ABA A 12 -6.29 -0.71 -4.40
CA ABA A 12 -5.56 -0.01 -3.37
C ABA A 12 -4.75 -1.01 -2.57
O ABA A 12 -5.31 -1.86 -1.86
CB ABA A 12 -6.50 0.78 -2.47
CG ABA A 12 -5.78 1.60 -1.41
H ABA A 12 -7.23 -0.92 -4.25
HA ABA A 12 -4.87 0.66 -3.86
HB3 ABA A 12 -7.17 0.10 -1.97
HB2 ABA A 12 -7.07 1.47 -3.08
HG1 ABA A 12 -5.12 2.31 -1.89
HG3 ABA A 12 -6.50 2.14 -0.81
HG2 ABA A 12 -5.20 0.94 -0.78
N ARG A 13 -3.46 -0.93 -2.71
CA ARG A 13 -2.58 -1.83 -2.03
C ARG A 13 -1.84 -1.07 -0.94
N CYS A 14 -2.06 -1.47 0.27
CA CYS A 14 -1.36 -0.90 1.39
C CYS A 14 -0.37 -1.89 1.89
N VAL A 15 0.87 -1.59 1.68
CA VAL A 15 1.93 -2.47 2.11
C VAL A 15 2.52 -1.90 3.36
N ABA A 16 2.59 -2.71 4.37
CA ABA A 16 3.11 -2.29 5.63
C ABA A 16 4.37 -3.07 5.93
O ABA A 16 4.34 -4.30 6.09
CB ABA A 16 2.07 -2.47 6.74
CG ABA A 16 2.52 -1.96 8.09
H ABA A 16 2.28 -3.63 4.22
HA ABA A 16 3.37 -1.24 5.55
HB3 ABA A 16 1.84 -3.52 6.83
HB2 ABA A 16 1.17 -1.95 6.47
HG1 ABA A 16 1.72 -2.10 8.81
HG3 ABA A 16 3.39 -2.51 8.40
HG2 ABA A 16 2.75 -0.91 8.02
N ARG A 17 5.47 -2.38 5.96
CA ARG A 17 6.75 -2.96 6.24
C ARG A 17 7.50 -2.09 7.22
N ARG A 18 7.85 -2.67 8.35
CA ARG A 18 8.57 -1.99 9.44
C ARG A 18 7.72 -0.82 9.96
N GLY A 1 6.46 -0.37 10.42
CA GLY A 1 5.93 0.91 10.73
C GLY A 1 5.62 1.74 9.51
N VAL A 2 6.27 1.46 8.40
CA VAL A 2 6.02 2.19 7.18
C VAL A 2 4.90 1.53 6.40
N ABA A 3 3.75 2.13 6.47
CA ABA A 3 2.59 1.66 5.77
C ABA A 3 2.40 2.50 4.52
O ABA A 3 2.32 3.73 4.59
CB ABA A 3 1.34 1.73 6.67
CG ABA A 3 0.06 1.27 6.01
H ABA A 3 3.66 2.95 7.01
HA ABA A 3 2.76 0.63 5.48
HB3 ABA A 3 1.21 2.76 6.98
HB2 ABA A 3 1.50 1.11 7.54
HG1 ABA A 3 -0.76 1.35 6.70
HG3 ABA A 3 -0.14 1.89 5.14
HG2 ABA A 3 0.16 0.24 5.69
N ARG A 4 2.36 1.86 3.39
CA ARG A 4 2.16 2.55 2.15
C ARG A 4 1.05 1.87 1.39
N CYS A 5 0.20 2.66 0.81
CA CYS A 5 -0.88 2.16 0.01
C CYS A 5 -0.69 2.62 -1.42
N VAL A 6 -0.62 1.68 -2.30
CA VAL A 6 -0.46 1.95 -3.69
C VAL A 6 -1.74 1.59 -4.39
N ABA A 7 -2.27 2.51 -5.10
CA ABA A 7 -3.47 2.31 -5.84
C ABA A 7 -3.10 2.29 -7.31
O ABA A 7 -2.71 3.31 -7.87
CB ABA A 7 -4.50 3.39 -5.52
CG ABA A 7 -5.88 3.12 -6.07
H ABA A 7 -1.79 3.36 -5.16
HA ABA A 7 -3.86 1.34 -5.59
HB3 ABA A 7 -4.15 4.33 -5.93
HB2 ABA A 7 -4.59 3.48 -4.44
HG1 ABA A 7 -5.83 3.01 -7.15
HG3 ABA A 7 -6.28 2.22 -5.64
HG2 ABA A 7 -6.54 3.96 -5.84
N ARG A 8 -3.15 1.14 -7.89
CA ARG A 8 -2.74 0.96 -9.26
C ARG A 8 -3.83 0.24 -10.02
N ARG A 9 -4.31 0.87 -11.07
CA ARG A 9 -5.33 0.32 -11.97
C ARG A 9 -6.64 0.09 -11.17
N GLY A 10 -6.87 1.01 -10.25
CA GLY A 10 -8.02 0.99 -9.41
C GLY A 10 -7.94 -0.04 -8.28
N VAL A 11 -6.79 -0.66 -8.14
CA VAL A 11 -6.58 -1.64 -7.10
C VAL A 11 -5.67 -1.04 -6.04
N ABA A 12 -6.18 -0.89 -4.86
CA ABA A 12 -5.44 -0.34 -3.75
C ABA A 12 -4.89 -1.47 -2.92
O ABA A 12 -5.63 -2.36 -2.48
CB ABA A 12 -6.34 0.57 -2.90
CG ABA A 12 -5.61 1.28 -1.77
H ABA A 12 -7.11 -1.18 -4.71
HA ABA A 12 -4.62 0.24 -4.14
HB3 ABA A 12 -7.13 -0.03 -2.47
HB2 ABA A 12 -6.77 1.34 -3.53
HG1 ABA A 12 -5.17 0.54 -1.11
HG3 ABA A 12 -4.85 1.92 -2.18
HG2 ABA A 12 -6.32 1.87 -1.21
N ARG A 13 -3.60 -1.46 -2.71
CA ARG A 13 -2.89 -2.45 -1.93
C ARG A 13 -2.03 -1.72 -0.90
N CYS A 14 -2.02 -2.20 0.32
CA CYS A 14 -1.25 -1.56 1.37
C CYS A 14 -0.25 -2.55 1.96
N VAL A 15 0.97 -2.10 2.17
CA VAL A 15 2.01 -2.92 2.78
C VAL A 15 2.50 -2.19 4.02
N ABA A 16 2.74 -2.94 5.09
CA ABA A 16 3.21 -2.37 6.34
C ABA A 16 4.60 -2.92 6.66
O ABA A 16 4.74 -4.00 7.22
CB ABA A 16 2.24 -2.74 7.48
CG ABA A 16 0.84 -2.20 7.29
H ABA A 16 2.61 -3.91 5.06
HA ABA A 16 3.25 -1.30 6.24
HB3 ABA A 16 2.64 -2.33 8.40
HB2 ABA A 16 2.18 -3.81 7.57
HG1 ABA A 16 0.42 -2.59 6.37
HG3 ABA A 16 0.21 -2.53 8.12
HG2 ABA A 16 0.85 -1.12 7.27
N ARG A 17 5.61 -2.16 6.30
CA ARG A 17 6.97 -2.60 6.53
C ARG A 17 7.60 -1.85 7.70
N ARG A 18 7.57 -2.50 8.86
CA ARG A 18 8.18 -2.04 10.09
C ARG A 18 7.75 -0.60 10.44
N GLY A 1 6.65 -1.38 9.35
CA GLY A 1 5.57 -0.84 10.08
C GLY A 1 4.94 0.39 9.46
N VAL A 2 5.51 0.90 8.39
CA VAL A 2 4.97 2.07 7.74
C VAL A 2 3.98 1.64 6.68
N ABA A 3 2.74 1.96 6.91
CA ABA A 3 1.66 1.61 6.03
C ABA A 3 1.70 2.48 4.77
O ABA A 3 1.32 3.65 4.80
CB ABA A 3 0.31 1.74 6.74
CG ABA A 3 -0.88 1.30 5.90
H ABA A 3 2.53 2.49 7.71
HA ABA A 3 1.80 0.58 5.72
HB3 ABA A 3 0.17 2.77 7.00
HB2 ABA A 3 0.33 1.15 7.63
HG1 ABA A 3 -0.76 0.26 5.63
HG3 ABA A 3 -1.79 1.42 6.48
HG2 ABA A 3 -0.93 1.91 5.02
N ARG A 4 2.21 1.92 3.71
CA ARG A 4 2.27 2.59 2.46
C ARG A 4 1.23 2.00 1.54
N CYS A 5 0.46 2.84 0.93
CA CYS A 5 -0.59 2.39 0.06
C CYS A 5 -0.20 2.51 -1.37
N VAL A 6 -0.28 1.41 -2.08
CA VAL A 6 0.03 1.37 -3.48
C VAL A 6 -1.29 1.34 -4.21
N ABA A 7 -1.44 2.24 -5.12
CA ABA A 7 -2.63 2.38 -5.90
C ABA A 7 -2.30 2.08 -7.33
O ABA A 7 -1.71 2.92 -8.03
CB ABA A 7 -3.17 3.80 -5.78
CG ABA A 7 -3.60 4.20 -4.37
H ABA A 7 -0.68 2.82 -5.32
HA ABA A 7 -3.37 1.69 -5.53
HB3 ABA A 7 -4.02 3.91 -6.43
HB2 ABA A 7 -2.40 4.50 -6.09
HG1 ABA A 7 -3.93 5.23 -4.38
HG3 ABA A 7 -4.39 3.56 -4.05
HG2 ABA A 7 -2.75 4.08 -3.70
N ARG A 8 -2.64 0.91 -7.78
CA ARG A 8 -2.33 0.54 -9.12
C ARG A 8 -3.52 -0.12 -9.78
N ARG A 9 -3.97 0.49 -10.88
CA ARG A 9 -5.03 -0.02 -11.74
C ARG A 9 -6.32 -0.29 -10.95
N GLY A 10 -6.70 0.69 -10.16
CA GLY A 10 -7.89 0.63 -9.40
C GLY A 10 -7.80 -0.29 -8.20
N VAL A 11 -6.62 -0.78 -7.91
CA VAL A 11 -6.40 -1.63 -6.77
C VAL A 11 -5.49 -0.92 -5.79
N ABA A 12 -6.01 -0.67 -4.61
CA ABA A 12 -5.28 -0.01 -3.57
C ABA A 12 -4.95 -1.01 -2.46
O ABA A 12 -5.85 -1.58 -1.84
CB ABA A 12 -6.09 1.17 -3.00
CG ABA A 12 -5.40 1.92 -1.89
H ABA A 12 -6.93 -0.97 -4.44
HA ABA A 12 -4.36 0.37 -3.98
HB3 ABA A 12 -7.03 0.80 -2.63
HB2 ABA A 12 -6.28 1.87 -3.80
HG1 ABA A 12 -5.20 1.24 -1.06
HG3 ABA A 12 -4.48 2.34 -2.24
HG2 ABA A 12 -6.05 2.72 -1.54
N ARG A 13 -3.69 -1.24 -2.26
CA ARG A 13 -3.23 -2.14 -1.23
C ARG A 13 -2.22 -1.45 -0.33
N CYS A 14 -2.50 -1.47 0.94
CA CYS A 14 -1.63 -0.86 1.91
C CYS A 14 -0.77 -1.89 2.59
N VAL A 15 0.52 -1.75 2.42
CA VAL A 15 1.48 -2.66 2.96
C VAL A 15 2.27 -1.95 4.03
N ABA A 16 2.48 -2.59 5.14
CA ABA A 16 3.23 -2.02 6.22
C ABA A 16 4.70 -2.39 6.09
O ABA A 16 5.13 -3.44 6.55
CB ABA A 16 2.66 -2.44 7.57
CG ABA A 16 1.24 -1.97 7.80
H ABA A 16 2.11 -3.50 5.23
HA ABA A 16 3.16 -0.93 6.12
HB3 ABA A 16 3.28 -2.03 8.35
HB2 ABA A 16 2.68 -3.51 7.63
HG1 ABA A 16 1.21 -0.88 7.79
HG3 ABA A 16 0.60 -2.36 7.02
HG2 ABA A 16 0.89 -2.33 8.76
N ARG A 17 5.45 -1.55 5.43
CA ARG A 17 6.87 -1.76 5.24
C ARG A 17 7.61 -1.12 6.40
N ARG A 18 8.19 -1.98 7.25
CA ARG A 18 8.88 -1.57 8.49
C ARG A 18 7.87 -0.88 9.39
N GLY A 1 7.29 -1.23 9.05
CA GLY A 1 6.35 -0.79 10.01
C GLY A 1 5.52 0.40 9.56
N VAL A 2 5.70 0.84 8.35
CA VAL A 2 4.95 1.98 7.85
C VAL A 2 3.87 1.53 6.88
N ABA A 3 2.63 1.79 7.24
CA ABA A 3 1.51 1.43 6.41
C ABA A 3 1.34 2.42 5.26
O ABA A 3 0.94 3.57 5.46
CB ABA A 3 0.23 1.35 7.25
CG ABA A 3 -0.99 0.88 6.47
H ABA A 3 2.47 2.27 8.08
HA ABA A 3 1.71 0.45 5.99
HB3 ABA A 3 0.01 2.33 7.64
HB2 ABA A 3 0.38 0.67 8.08
HG1 ABA A 3 -0.80 -0.10 6.05
HG3 ABA A 3 -1.84 0.83 7.13
HG2 ABA A 3 -1.20 1.57 5.66
N ARG A 4 1.68 1.97 4.09
CA ARG A 4 1.57 2.76 2.90
C ARG A 4 0.57 2.10 1.99
N CYS A 5 0.12 2.80 1.00
CA CYS A 5 -0.86 2.26 0.11
C CYS A 5 -0.42 2.47 -1.32
N VAL A 6 -0.42 1.41 -2.06
CA VAL A 6 -0.05 1.41 -3.45
C VAL A 6 -1.31 1.34 -4.27
N ABA A 7 -1.48 2.25 -5.15
CA ABA A 7 -2.60 2.26 -6.02
C ABA A 7 -2.20 1.62 -7.34
O ABA A 7 -1.69 2.29 -8.27
CB ABA A 7 -3.18 3.68 -6.18
CG ABA A 7 -2.18 4.76 -6.57
H ABA A 7 -0.77 2.94 -5.21
HA ABA A 7 -3.35 1.62 -5.57
HB3 ABA A 7 -3.66 3.97 -5.25
HB2 ABA A 7 -3.92 3.65 -6.97
HG1 ABA A 7 -1.43 4.85 -5.79
HG3 ABA A 7 -1.70 4.49 -7.49
HG2 ABA A 7 -2.68 5.71 -6.68
N ARG A 8 -2.37 0.34 -7.43
CA ARG A 8 -1.96 -0.40 -8.58
C ARG A 8 -3.16 -0.74 -9.44
N ARG A 9 -3.33 0.03 -10.50
CA ARG A 9 -4.39 -0.14 -11.51
C ARG A 9 -5.78 -0.15 -10.83
N GLY A 10 -6.01 0.86 -10.04
CA GLY A 10 -7.25 1.01 -9.37
C GLY A 10 -7.39 0.17 -8.12
N VAL A 11 -6.41 -0.65 -7.82
CA VAL A 11 -6.44 -1.44 -6.63
C VAL A 11 -5.52 -0.83 -5.60
N ABA A 12 -6.10 -0.18 -4.62
CA ABA A 12 -5.34 0.45 -3.56
C ABA A 12 -5.02 -0.58 -2.50
O ABA A 12 -5.87 -0.95 -1.68
CB ABA A 12 -6.11 1.63 -2.96
CG ABA A 12 -5.36 2.39 -1.89
H ABA A 12 -7.09 -0.13 -4.59
HA ABA A 12 -4.42 0.81 -3.99
HB3 ABA A 12 -7.04 1.27 -2.53
HB2 ABA A 12 -6.34 2.33 -3.75
HG1 ABA A 12 -4.45 2.79 -2.30
HG3 ABA A 12 -5.97 3.19 -1.51
HG2 ABA A 12 -5.12 1.71 -1.08
N ARG A 13 -3.82 -1.06 -2.53
CA ARG A 13 -3.36 -2.06 -1.60
C ARG A 13 -2.53 -1.41 -0.51
N CYS A 14 -2.96 -1.53 0.70
CA CYS A 14 -2.22 -1.00 1.80
C CYS A 14 -1.34 -2.09 2.40
N VAL A 15 -0.09 -1.78 2.55
CA VAL A 15 0.91 -2.69 3.02
C VAL A 15 1.85 -1.98 3.97
N ABA A 16 2.30 -2.69 4.96
CA ABA A 16 3.19 -2.16 5.94
C ABA A 16 4.63 -2.48 5.56
O ABA A 16 5.02 -3.66 5.55
CB ABA A 16 2.89 -2.73 7.33
CG ABA A 16 1.49 -2.41 7.83
H ABA A 16 2.02 -3.62 5.01
HA ABA A 16 3.08 -1.09 5.96
HB3 ABA A 16 3.60 -2.33 8.03
HB2 ABA A 16 2.99 -3.81 7.30
HG1 ABA A 16 1.34 -2.86 8.80
HG3 ABA A 16 1.38 -1.34 7.92
HG2 ABA A 16 0.76 -2.79 7.14
N ARG A 17 5.38 -1.48 5.21
CA ARG A 17 6.78 -1.63 4.90
C ARG A 17 7.60 -0.94 5.95
N ARG A 18 8.41 -1.73 6.66
CA ARG A 18 9.29 -1.25 7.73
C ARG A 18 8.43 -0.61 8.85
N GLY A 1 5.92 -0.67 10.34
CA GLY A 1 5.09 0.45 10.66
C GLY A 1 4.93 1.45 9.52
N VAL A 2 5.67 1.28 8.44
CA VAL A 2 5.56 2.17 7.31
C VAL A 2 4.55 1.59 6.34
N ABA A 3 3.45 2.26 6.20
CA ABA A 3 2.39 1.78 5.35
C ABA A 3 2.30 2.60 4.08
O ABA A 3 1.91 3.78 4.09
CB ABA A 3 1.05 1.82 6.12
CG ABA A 3 -0.13 1.30 5.31
H ABA A 3 3.33 3.13 6.64
HA ABA A 3 2.61 0.76 5.10
HB3 ABA A 3 0.83 2.83 6.39
HB2 ABA A 3 1.13 1.21 7.00
HG1 ABA A 3 0.05 0.27 5.02
HG3 ABA A 3 -1.03 1.35 5.90
HG2 ABA A 3 -0.25 1.90 4.42
N ARG A 4 2.68 2.01 3.01
CA ARG A 4 2.54 2.64 1.72
C ARG A 4 1.39 2.01 0.98
N CYS A 5 0.38 2.78 0.72
CA CYS A 5 -0.72 2.33 -0.08
C CYS A 5 -0.47 2.66 -1.51
N VAL A 6 -0.31 1.64 -2.27
CA VAL A 6 -0.01 1.73 -3.66
C VAL A 6 -1.28 1.49 -4.41
N ABA A 7 -1.76 2.50 -5.02
CA ABA A 7 -3.01 2.44 -5.73
C ABA A 7 -2.74 2.28 -7.21
O ABA A 7 -2.16 3.18 -7.84
CB ABA A 7 -3.82 3.69 -5.47
CG ABA A 7 -4.24 3.87 -4.02
H ABA A 7 -1.23 3.31 -5.01
HA ABA A 7 -3.56 1.58 -5.38
HB3 ABA A 7 -4.72 3.67 -6.06
HB2 ABA A 7 -3.24 4.56 -5.75
HG1 ABA A 7 -3.35 3.91 -3.40
HG3 ABA A 7 -4.79 4.79 -3.91
HG2 ABA A 7 -4.85 3.04 -3.71
N ARG A 8 -3.11 1.16 -7.73
CA ARG A 8 -2.86 0.85 -9.11
C ARG A 8 -4.08 0.30 -9.80
N ARG A 9 -4.65 1.11 -10.67
CA ARG A 9 -5.77 0.76 -11.54
C ARG A 9 -6.96 0.21 -10.72
N GLY A 10 -7.28 0.90 -9.67
CA GLY A 10 -8.39 0.56 -8.84
C GLY A 10 -8.05 -0.38 -7.70
N VAL A 11 -6.87 -0.96 -7.74
CA VAL A 11 -6.47 -1.88 -6.69
C VAL A 11 -5.50 -1.18 -5.75
N ABA A 12 -5.86 -1.09 -4.50
CA ABA A 12 -5.04 -0.47 -3.51
C ABA A 12 -4.31 -1.53 -2.70
O ABA A 12 -4.94 -2.33 -1.99
CB ABA A 12 -5.88 0.43 -2.59
CG ABA A 12 -5.08 1.15 -1.52
H ABA A 12 -6.73 -1.46 -4.23
HA ABA A 12 -4.30 0.14 -4.02
HB3 ABA A 12 -6.61 -0.19 -2.09
HB2 ABA A 12 -6.38 1.17 -3.19
HG1 ABA A 12 -4.59 0.42 -0.90
HG3 ABA A 12 -4.33 1.78 -2.00
HG2 ABA A 12 -5.73 1.76 -0.93
N ARG A 13 -3.02 -1.59 -2.86
CA ARG A 13 -2.19 -2.50 -2.10
C ARG A 13 -1.45 -1.74 -1.02
N CYS A 14 -1.81 -1.95 0.21
CA CYS A 14 -1.14 -1.29 1.30
C CYS A 14 -0.14 -2.22 1.92
N VAL A 15 1.10 -1.84 1.83
CA VAL A 15 2.17 -2.63 2.36
C VAL A 15 2.61 -1.98 3.66
N ABA A 16 2.68 -2.76 4.69
CA ABA A 16 3.06 -2.31 5.99
C ABA A 16 4.38 -2.94 6.36
O ABA A 16 4.43 -4.11 6.75
CB ABA A 16 2.01 -2.69 7.03
CG ABA A 16 0.65 -2.07 6.80
H ABA A 16 2.49 -3.72 4.57
HA ABA A 16 3.17 -1.24 5.97
HB3 ABA A 16 2.36 -2.39 8.00
HB2 ABA A 16 1.88 -3.77 7.02
HG1 ABA A 16 0.73 -0.99 6.84
HG3 ABA A 16 0.27 -2.37 5.82
HG2 ABA A 16 -0.03 -2.40 7.56
N ARG A 17 5.45 -2.21 6.20
CA ARG A 17 6.75 -2.72 6.54
C ARG A 17 7.34 -1.90 7.66
N ARG A 18 7.43 -2.52 8.82
CA ARG A 18 7.95 -1.92 10.05
C ARG A 18 7.22 -0.61 10.38
N GLY A 1 6.35 -1.76 9.54
CA GLY A 1 5.24 -1.38 10.35
C GLY A 1 4.43 -0.23 9.76
N VAL A 2 4.96 0.42 8.76
CA VAL A 2 4.30 1.56 8.15
C VAL A 2 3.73 1.17 6.80
N ABA A 3 2.43 1.20 6.66
CA ABA A 3 1.83 0.87 5.44
C ABA A 3 1.85 2.06 4.48
O ABA A 3 1.52 3.19 4.85
CB ABA A 3 0.41 0.34 5.67
CG ABA A 3 -0.65 1.38 6.04
H ABA A 3 1.80 1.42 7.38
HA ABA A 3 2.40 0.08 4.99
HB3 ABA A 3 0.44 -0.40 6.46
HB2 ABA A 3 0.10 -0.14 4.76
HG1 ABA A 3 -0.76 2.08 5.23
HG3 ABA A 3 -1.58 0.90 6.25
HG2 ABA A 3 -0.31 1.94 6.91
N ARG A 4 2.29 1.80 3.28
CA ARG A 4 2.31 2.78 2.23
C ARG A 4 1.25 2.39 1.22
N CYS A 5 0.38 3.31 0.94
CA CYS A 5 -0.78 3.02 0.13
C CYS A 5 -0.62 3.55 -1.27
N VAL A 6 -0.76 2.66 -2.23
CA VAL A 6 -0.62 2.96 -3.63
C VAL A 6 -1.81 2.38 -4.37
N ABA A 7 -2.31 3.09 -5.34
CA ABA A 7 -3.38 2.59 -6.17
C ABA A 7 -2.79 1.80 -7.33
O ABA A 7 -2.54 2.31 -8.43
CB ABA A 7 -4.35 3.72 -6.61
CG ABA A 7 -3.68 4.93 -7.25
H ABA A 7 -1.93 3.99 -5.52
HA ABA A 7 -3.92 1.89 -5.57
HB3 ABA A 7 -4.91 4.06 -5.76
HB2 ABA A 7 -5.04 3.32 -7.35
HG1 ABA A 7 -3.01 5.39 -6.53
HG3 ABA A 7 -3.11 4.61 -8.11
HG2 ABA A 7 -4.44 5.64 -7.55
N ARG A 8 -2.60 0.54 -7.09
CA ARG A 8 -1.98 -0.35 -8.01
C ARG A 8 -3.05 -1.25 -8.61
N ARG A 9 -3.21 -1.17 -9.93
CA ARG A 9 -4.18 -1.99 -10.66
C ARG A 9 -5.61 -1.65 -10.18
N GLY A 10 -5.83 -0.37 -9.95
CA GLY A 10 -7.10 0.13 -9.46
C GLY A 10 -7.39 -0.25 -8.01
N VAL A 11 -6.46 -0.93 -7.39
CA VAL A 11 -6.60 -1.36 -6.03
C VAL A 11 -5.75 -0.48 -5.15
N ABA A 12 -6.38 0.31 -4.32
CA ABA A 12 -5.65 1.13 -3.39
C ABA A 12 -5.26 0.23 -2.23
O ABA A 12 -6.05 -0.01 -1.31
CB ABA A 12 -6.50 2.31 -2.91
CG ABA A 12 -5.76 3.28 -2.01
H ABA A 12 -7.36 0.33 -4.32
HA ABA A 12 -4.75 1.48 -3.86
HB3 ABA A 12 -7.35 1.94 -2.38
HB2 ABA A 12 -6.85 2.87 -3.78
HG1 ABA A 12 -6.42 4.08 -1.71
HG3 ABA A 12 -5.39 2.75 -1.14
HG2 ABA A 12 -4.91 3.69 -2.55
N ARG A 13 -4.08 -0.31 -2.32
CA ARG A 13 -3.60 -1.24 -1.33
C ARG A 13 -2.45 -0.65 -0.59
N CYS A 14 -2.22 -1.13 0.59
CA CYS A 14 -1.19 -0.61 1.41
C CYS A 14 -0.19 -1.71 1.75
N VAL A 15 1.06 -1.46 1.48
CA VAL A 15 2.10 -2.41 1.79
C VAL A 15 2.83 -1.97 3.04
N ABA A 16 2.99 -2.88 3.94
CA ABA A 16 3.57 -2.63 5.24
C ABA A 16 5.08 -2.71 5.19
O ABA A 16 5.66 -3.80 5.07
CB ABA A 16 3.01 -3.60 6.28
CG ABA A 16 1.51 -3.53 6.46
H ABA A 16 2.73 -3.80 3.69
HA ABA A 16 3.29 -1.63 5.53
HB3 ABA A 16 3.47 -3.40 7.24
HB2 ABA A 16 3.25 -4.61 5.98
HG1 ABA A 16 1.23 -2.54 6.79
HG3 ABA A 16 1.02 -3.73 5.51
HG2 ABA A 16 1.19 -4.25 7.19
N ARG A 17 5.69 -1.57 5.27
CA ARG A 17 7.12 -1.47 5.26
C ARG A 17 7.58 -1.00 6.63
N ARG A 18 8.13 -1.94 7.38
CA ARG A 18 8.63 -1.75 8.74
C ARG A 18 7.52 -1.17 9.66
N GLY A 1 6.46 -0.56 10.24
CA GLY A 1 5.46 0.38 10.67
C GLY A 1 5.03 1.37 9.59
N VAL A 2 5.64 1.29 8.43
CA VAL A 2 5.31 2.17 7.34
C VAL A 2 4.26 1.51 6.48
N ABA A 3 3.09 2.10 6.43
CA ABA A 3 2.00 1.60 5.65
C ABA A 3 1.99 2.33 4.31
O ABA A 3 1.51 3.47 4.21
CB ABA A 3 0.66 1.80 6.40
CG ABA A 3 -0.54 1.22 5.68
H ABA A 3 2.97 2.93 6.94
HA ABA A 3 2.16 0.56 5.48
HB3 ABA A 3 0.50 2.86 6.53
HB2 ABA A 3 0.74 1.33 7.37
HG1 ABA A 3 -0.40 0.16 5.55
HG3 ABA A 3 -1.43 1.40 6.27
HG2 ABA A 3 -0.64 1.69 4.71
N ARG A 4 2.53 1.69 3.32
CA ARG A 4 2.60 2.25 2.00
C ARG A 4 1.42 1.74 1.19
N CYS A 5 0.54 2.62 0.83
CA CYS A 5 -0.62 2.27 0.05
C CYS A 5 -0.45 2.70 -1.37
N VAL A 6 -0.47 1.75 -2.25
CA VAL A 6 -0.32 2.02 -3.64
C VAL A 6 -1.55 1.53 -4.40
N ABA A 7 -2.11 2.43 -5.15
CA ABA A 7 -3.27 2.16 -5.92
C ABA A 7 -2.87 1.92 -7.36
O ABA A 7 -2.42 2.85 -8.05
CB ABA A 7 -4.31 3.29 -5.81
CG ABA A 7 -5.60 3.02 -6.56
H ABA A 7 -1.67 3.31 -5.16
HA ABA A 7 -3.71 1.24 -5.56
HB3 ABA A 7 -3.88 4.20 -6.20
HB2 ABA A 7 -4.56 3.43 -4.78
HG1 ABA A 7 -6.08 2.13 -6.15
HG3 ABA A 7 -6.27 3.86 -6.46
HG2 ABA A 7 -5.38 2.85 -7.60
N ARG A 8 -2.99 0.70 -7.78
CA ARG A 8 -2.59 0.34 -9.10
C ARG A 8 -3.81 -0.10 -9.88
N ARG A 9 -4.22 0.75 -10.82
CA ARG A 9 -5.36 0.49 -11.73
C ARG A 9 -6.66 0.36 -10.94
N GLY A 10 -6.75 1.13 -9.88
CA GLY A 10 -7.89 1.10 -9.04
C GLY A 10 -7.78 0.11 -7.89
N VAL A 11 -6.78 -0.73 -7.93
CA VAL A 11 -6.57 -1.69 -6.87
C VAL A 11 -5.65 -1.08 -5.82
N ABA A 12 -6.20 -0.72 -4.69
CA ABA A 12 -5.43 -0.10 -3.63
C ABA A 12 -4.89 -1.17 -2.69
O ABA A 12 -5.65 -1.93 -2.09
CB ABA A 12 -6.31 0.91 -2.85
CG ABA A 12 -5.55 1.70 -1.80
H ABA A 12 -7.16 -0.90 -4.55
HA ABA A 12 -4.59 0.42 -4.07
HB3 ABA A 12 -7.10 0.38 -2.36
HB2 ABA A 12 -6.72 1.62 -3.56
HG1 ABA A 12 -6.21 2.38 -1.29
HG3 ABA A 12 -5.10 1.02 -1.09
HG2 ABA A 12 -4.76 2.27 -2.28
N ARG A 13 -3.60 -1.25 -2.60
CA ARG A 13 -2.96 -2.25 -1.79
C ARG A 13 -2.02 -1.56 -0.81
N CYS A 14 -2.02 -2.01 0.42
CA CYS A 14 -1.21 -1.38 1.44
C CYS A 14 -0.24 -2.36 2.05
N VAL A 15 1.02 -2.08 1.91
CA VAL A 15 2.07 -2.89 2.48
C VAL A 15 2.65 -2.21 3.69
N ABA A 16 2.72 -2.93 4.75
CA ABA A 16 3.23 -2.43 5.99
C ABA A 16 4.59 -3.03 6.25
O ABA A 16 4.72 -4.24 6.43
CB ABA A 16 2.28 -2.77 7.14
CG ABA A 16 0.89 -2.18 7.00
H ABA A 16 2.42 -3.87 4.69
HA ABA A 16 3.31 -1.36 5.92
HB3 ABA A 16 2.71 -2.41 8.06
HB2 ABA A 16 2.19 -3.85 7.20
HG1 ABA A 16 0.44 -2.56 6.09
HG3 ABA A 16 0.30 -2.49 7.85
HG2 ABA A 16 0.95 -1.11 6.96
N ARG A 17 5.59 -2.20 6.24
CA ARG A 17 6.93 -2.64 6.51
C ARG A 17 7.57 -1.66 7.46
N ARG A 18 7.99 -2.15 8.62
CA ARG A 18 8.65 -1.36 9.65
C ARG A 18 7.71 -0.21 10.08
#